data_9FN7
#
_entry.id   9FN7
#
_cell.length_a   77.458
_cell.length_b   74.097
_cell.length_c   91.600
_cell.angle_alpha   90.00
_cell.angle_beta   108.94
_cell.angle_gamma   90.00
#
_symmetry.space_group_name_H-M   'P 1 21 1'
#
loop_
_entity.id
_entity.type
_entity.pdbx_description
1 polymer 'Carbonic anhydrase 12'
2 non-polymer 'ZINC ION'
3 non-polymer 5,7,8-tris(fluoranyl)-1,1-bis(oxidanylidene)-4-(3-propylhexyl)-2,3-dihydro-1$l^{6},4-benzothiazine-6-sulfonamide
4 non-polymer 1,2-ETHANEDIOL
5 water water
#
_entity_poly.entity_id   1
_entity_poly.type   'polypeptide(L)'
_entity_poly.pdbx_seq_one_letter_code
;MSKWTYFGPDGENSWSKKYPSCGGLLQSPIDLHSDILQYDASLTPLEFQGYNLSANKQFLLTNNGHSVKLNLPSDMHIQG
LQSRYSATQLHLHWGNPNDPHGSEHTVSGQHFAAELHIVHYNSDLYPDASTASNKSEGLAVLAVLIEMGSFNPSYDKIFS
HLQHVKYKGQEAFVPGFNIEELLPERTAEYYRYRGSLTTPPCNPTVLWTVFRNPVQISQEQLLALETALYCTHMDDPSPR
EMINNFRQVQKFDERLVYTSFSQ
;
_entity_poly.pdbx_strand_id   A,B,C,D
#
loop_
_chem_comp.id
_chem_comp.type
_chem_comp.name
_chem_comp.formula
A1ID0 non-polymer 5,7,8-tris(fluoranyl)-1,1-bis(oxidanylidene)-4-(3-propylhexyl)-2,3-dihydro-1$l^{6},4-benzothiazine-6-sulfonamide 'C17 H25 F3 N2 O4 S2'
EDO non-polymer 1,2-ETHANEDIOL 'C2 H6 O2'
ZN non-polymer 'ZINC ION' 'Zn 2'
#
# COMPACT_ATOMS: atom_id res chain seq x y z
N TRP A 4 -30.07 -9.52 -10.45
CA TRP A 4 -28.69 -9.94 -10.81
C TRP A 4 -28.60 -11.46 -10.92
N THR A 5 -27.68 -11.93 -11.76
CA THR A 5 -27.48 -13.35 -12.02
C THR A 5 -25.99 -13.60 -12.20
N TYR A 6 -25.64 -14.84 -12.54
CA TYR A 6 -24.29 -15.23 -12.91
C TYR A 6 -24.10 -15.39 -14.42
N PHE A 7 -25.06 -14.89 -15.22
CA PHE A 7 -24.93 -15.07 -16.70
C PHE A 7 -25.68 -13.99 -17.50
N GLY A 8 -25.70 -14.12 -18.81
CA GLY A 8 -26.53 -13.26 -19.66
C GLY A 8 -26.28 -11.79 -19.41
N PRO A 9 -27.24 -10.86 -19.59
CA PRO A 9 -26.87 -9.46 -19.44
C PRO A 9 -26.90 -8.93 -18.02
N ASP A 10 -27.36 -9.74 -17.06
CA ASP A 10 -27.40 -9.29 -15.68
C ASP A 10 -26.33 -9.98 -14.82
N GLY A 11 -25.30 -10.55 -15.46
CA GLY A 11 -24.22 -11.26 -14.83
C GLY A 11 -23.17 -10.31 -14.26
N GLU A 12 -22.07 -10.92 -13.86
CA GLU A 12 -21.17 -10.25 -12.94
C GLU A 12 -20.55 -8.97 -13.50
N ASN A 13 -20.35 -8.89 -14.83
CA ASN A 13 -19.76 -7.66 -15.35
C ASN A 13 -20.73 -6.49 -15.25
N SER A 14 -22.02 -6.78 -15.04
N SER A 14 -22.04 -6.75 -15.05
CA SER A 14 -23.03 -5.73 -14.97
CA SER A 14 -23.05 -5.70 -14.95
C SER A 14 -23.48 -5.44 -13.54
C SER A 14 -23.37 -5.34 -13.50
N TRP A 15 -22.95 -6.16 -12.51
CA TRP A 15 -23.38 -5.92 -11.12
C TRP A 15 -23.10 -4.48 -10.69
N SER A 16 -22.01 -3.90 -11.16
CA SER A 16 -21.63 -2.58 -10.67
C SER A 16 -22.61 -1.47 -11.06
N LYS A 17 -23.47 -1.73 -12.06
N LYS A 17 -23.50 -1.74 -12.02
CA LYS A 17 -24.48 -0.74 -12.37
CA LYS A 17 -24.44 -0.67 -12.34
C LYS A 17 -25.33 -0.44 -11.13
C LYS A 17 -25.48 -0.43 -11.24
N LYS A 18 -25.98 -1.49 -10.59
CA LYS A 18 -26.88 -1.27 -9.48
C LYS A 18 -26.14 -1.31 -8.16
N TYR A 19 -24.99 -1.96 -8.09
CA TYR A 19 -24.28 -2.23 -6.86
C TYR A 19 -22.87 -1.68 -7.00
N PRO A 20 -22.68 -0.36 -6.76
CA PRO A 20 -21.41 0.28 -7.12
C PRO A 20 -20.19 -0.34 -6.46
N SER A 21 -20.35 -0.93 -5.27
CA SER A 21 -19.16 -1.49 -4.65
C SER A 21 -18.59 -2.68 -5.46
N CYS A 22 -19.38 -3.30 -6.34
CA CYS A 22 -18.86 -4.40 -7.16
C CYS A 22 -17.77 -3.94 -8.13
N GLY A 23 -17.71 -2.62 -8.36
CA GLY A 23 -16.64 -2.05 -9.15
C GLY A 23 -15.62 -1.27 -8.33
N GLY A 24 -15.69 -1.42 -6.99
CA GLY A 24 -14.79 -0.70 -6.11
C GLY A 24 -13.58 -1.49 -5.66
N LEU A 25 -13.01 -1.08 -4.54
CA LEU A 25 -11.79 -1.70 -4.05
C LEU A 25 -12.08 -2.98 -3.29
N LEU A 26 -11.01 -3.73 -3.08
CA LEU A 26 -10.97 -4.85 -2.13
C LEU A 26 -11.89 -6.00 -2.56
N GLN A 27 -12.07 -6.18 -3.88
CA GLN A 27 -13.00 -7.21 -4.31
C GLN A 27 -12.45 -8.60 -4.22
N SER A 28 -13.33 -9.54 -3.87
CA SER A 28 -13.12 -10.96 -3.80
C SER A 28 -13.95 -11.68 -4.85
N PRO A 29 -13.63 -12.93 -5.22
CA PRO A 29 -12.51 -13.74 -4.72
C PRO A 29 -11.23 -13.45 -5.48
N ILE A 30 -10.15 -14.11 -5.09
CA ILE A 30 -8.84 -13.91 -5.67
C ILE A 30 -8.14 -15.25 -5.82
N ASP A 31 -7.07 -15.23 -6.62
CA ASP A 31 -6.19 -16.34 -6.76
C ASP A 31 -5.15 -16.29 -5.65
N LEU A 32 -5.02 -17.38 -4.93
CA LEU A 32 -4.04 -17.51 -3.82
C LEU A 32 -2.80 -18.21 -4.40
N HIS A 33 -1.73 -17.46 -4.65
CA HIS A 33 -0.56 -18.07 -5.30
C HIS A 33 0.70 -17.61 -4.57
N SER A 34 1.83 -18.34 -4.73
CA SER A 34 2.95 -18.21 -3.79
C SER A 34 3.51 -16.80 -3.69
N ILE A 36 2.33 -13.97 -3.64
CA ILE A 36 1.61 -12.98 -2.82
C ILE A 36 1.34 -13.47 -1.40
N LEU A 37 1.88 -14.63 -1.04
CA LEU A 37 1.63 -15.22 0.29
C LEU A 37 2.77 -14.80 1.20
N GLN A 38 2.45 -14.44 2.42
CA GLN A 38 3.49 -14.14 3.39
C GLN A 38 3.04 -14.73 4.72
N TYR A 39 3.90 -15.57 5.30
CA TYR A 39 3.66 -16.13 6.61
C TYR A 39 3.54 -15.00 7.64
N ASP A 40 2.55 -15.13 8.53
CA ASP A 40 2.33 -14.15 9.59
C ASP A 40 2.06 -14.93 10.88
N ALA A 41 3.06 -14.95 11.76
CA ALA A 41 2.96 -15.67 13.03
C ALA A 41 1.83 -15.19 13.95
N SER A 42 1.24 -14.01 13.66
CA SER A 42 0.10 -13.48 14.40
C SER A 42 -1.16 -14.32 14.16
N LEU A 43 -1.14 -15.13 13.11
CA LEU A 43 -2.37 -15.80 12.71
C LEU A 43 -2.55 -17.13 13.47
N THR A 44 -3.13 -16.98 14.66
CA THR A 44 -3.28 -18.08 15.58
C THR A 44 -4.57 -18.85 15.26
N PRO A 45 -4.74 -20.06 15.83
CA PRO A 45 -5.93 -20.85 15.48
C PRO A 45 -7.24 -20.23 15.92
N LEU A 46 -8.26 -20.25 15.07
CA LEU A 46 -9.59 -19.88 15.49
C LEU A 46 -10.22 -21.01 16.30
N GLU A 47 -11.19 -20.63 17.14
N GLU A 47 -11.13 -20.61 17.20
CA GLU A 47 -11.95 -21.61 17.88
CA GLU A 47 -11.98 -21.56 17.90
C GLU A 47 -13.42 -21.44 17.55
C GLU A 47 -13.40 -21.40 17.35
N PHE A 48 -14.07 -22.54 17.20
CA PHE A 48 -15.42 -22.57 16.64
C PHE A 48 -16.36 -22.93 17.78
N GLN A 49 -17.10 -21.95 18.30
CA GLN A 49 -17.86 -22.15 19.52
C GLN A 49 -19.35 -22.16 19.19
N GLY A 50 -20.09 -23.08 19.82
CA GLY A 50 -21.50 -23.15 19.53
C GLY A 50 -21.77 -23.75 18.15
N TYR A 51 -20.78 -24.43 17.54
CA TYR A 51 -21.00 -25.04 16.24
C TYR A 51 -21.77 -26.36 16.36
N ASN A 52 -21.81 -26.97 17.54
CA ASN A 52 -22.50 -28.25 17.71
C ASN A 52 -23.98 -27.97 17.93
N LEU A 53 -24.73 -27.72 16.86
CA LEU A 53 -26.11 -27.26 16.96
C LEU A 53 -27.00 -28.36 17.52
N SER A 54 -27.89 -27.95 18.42
CA SER A 54 -28.83 -28.87 19.07
C SER A 54 -29.58 -29.65 17.99
N ALA A 55 -29.53 -31.00 18.08
CA ALA A 55 -30.31 -31.80 17.15
C ALA A 55 -31.81 -31.63 17.44
N LYS A 57 -33.15 -28.60 17.76
N LYS A 57 -33.15 -28.68 17.68
CA LYS A 57 -33.55 -27.39 17.06
CA LYS A 57 -33.46 -27.40 17.06
C LYS A 57 -33.55 -27.65 15.56
C LYS A 57 -33.46 -27.60 15.53
N GLN A 58 -34.28 -26.82 14.81
CA GLN A 58 -34.26 -26.91 13.36
C GLN A 58 -33.77 -25.60 12.78
N PHE A 59 -33.09 -25.72 11.62
CA PHE A 59 -32.49 -24.55 11.00
C PHE A 59 -33.00 -24.46 9.57
N LEU A 60 -33.36 -23.25 9.14
CA LEU A 60 -34.05 -23.11 7.86
C LEU A 60 -33.07 -23.09 6.67
N LEU A 61 -33.32 -23.96 5.72
CA LEU A 61 -32.65 -23.98 4.42
C LEU A 61 -33.55 -23.30 3.42
N THR A 62 -33.01 -22.34 2.67
N THR A 62 -33.07 -22.28 2.68
CA THR A 62 -33.79 -21.58 1.71
CA THR A 62 -33.92 -21.57 1.73
C THR A 62 -33.10 -21.58 0.34
C THR A 62 -33.21 -21.27 0.41
N ASN A 63 -33.92 -21.48 -0.71
CA ASN A 63 -33.44 -21.05 -2.03
C ASN A 63 -34.02 -19.66 -2.29
N ASN A 64 -33.16 -18.63 -2.33
CA ASN A 64 -33.65 -17.27 -2.59
C ASN A 64 -33.48 -16.90 -4.07
N GLY A 65 -33.15 -17.88 -4.95
CA GLY A 65 -33.06 -17.57 -6.37
C GLY A 65 -31.61 -17.29 -6.74
N HIS A 66 -30.82 -16.78 -5.79
CA HIS A 66 -29.40 -16.57 -6.06
C HIS A 66 -28.60 -17.71 -5.43
N SER A 67 -29.09 -18.23 -4.28
CA SER A 67 -28.30 -19.11 -3.45
C SER A 67 -29.27 -19.99 -2.66
N VAL A 68 -28.75 -21.16 -2.29
CA VAL A 68 -29.31 -21.99 -1.21
C VAL A 68 -28.49 -21.81 0.07
N LYS A 69 -29.15 -21.23 1.07
N LYS A 69 -29.19 -21.38 1.12
CA LYS A 69 -28.49 -20.99 2.33
CA LYS A 69 -28.53 -20.88 2.30
C LYS A 69 -29.12 -21.81 3.44
C LYS A 69 -29.16 -21.54 3.52
N LEU A 70 -28.32 -21.98 4.49
CA LEU A 70 -28.78 -22.54 5.75
C LEU A 70 -28.62 -21.43 6.79
N ASN A 71 -29.73 -21.04 7.44
CA ASN A 71 -29.63 -20.05 8.51
C ASN A 71 -28.94 -20.67 9.72
N LEU A 72 -28.12 -19.87 10.38
CA LEU A 72 -27.40 -20.32 11.56
C LEU A 72 -27.73 -19.40 12.71
N PRO A 73 -27.64 -19.93 13.93
CA PRO A 73 -27.98 -19.12 15.12
C PRO A 73 -26.82 -18.22 15.61
N SER A 74 -27.15 -17.09 16.21
CA SER A 74 -26.10 -16.13 16.60
C SER A 74 -25.29 -16.60 17.81
N ASP A 75 -25.72 -17.66 18.53
CA ASP A 75 -24.87 -18.15 19.61
C ASP A 75 -23.69 -18.95 19.05
N MET A 76 -23.72 -19.26 17.74
CA MET A 76 -22.57 -19.89 17.11
C MET A 76 -21.59 -18.77 16.75
N HIS A 77 -20.31 -18.94 17.08
CA HIS A 77 -19.41 -17.82 16.82
C HIS A 77 -17.98 -18.29 16.68
N ILE A 78 -17.17 -17.46 16.00
N ILE A 78 -17.18 -17.38 16.10
CA ILE A 78 -15.73 -17.58 16.02
CA ILE A 78 -15.73 -17.50 15.98
C ILE A 78 -15.18 -16.85 17.24
C ILE A 78 -15.07 -16.77 17.14
N GLN A 79 -14.22 -17.50 17.89
CA GLN A 79 -13.36 -16.92 18.91
C GLN A 79 -11.93 -16.88 18.33
N GLY A 80 -11.23 -15.79 18.59
CA GLY A 80 -9.82 -15.66 18.23
C GLY A 80 -9.56 -14.41 17.38
N LEU A 81 -10.65 -13.81 16.88
CA LEU A 81 -10.53 -12.52 16.18
C LEU A 81 -10.60 -11.42 17.24
N GLN A 82 -10.37 -10.15 16.89
CA GLN A 82 -10.38 -9.10 17.93
C GLN A 82 -11.77 -8.97 18.59
N SER A 83 -12.79 -9.09 17.74
CA SER A 83 -14.16 -9.07 18.17
C SER A 83 -14.74 -10.46 18.01
N ARG A 84 -15.88 -10.66 18.67
CA ARG A 84 -16.64 -11.86 18.41
C ARG A 84 -17.37 -11.70 17.08
N TYR A 85 -17.30 -12.76 16.23
CA TYR A 85 -18.08 -12.78 14.99
C TYR A 85 -19.08 -13.93 15.12
N SER A 86 -20.37 -13.61 15.06
CA SER A 86 -21.43 -14.58 15.21
C SER A 86 -21.94 -15.07 13.87
N ALA A 87 -22.26 -16.37 13.78
CA ALA A 87 -22.73 -16.91 12.52
C ALA A 87 -24.07 -16.29 12.12
N THR A 88 -24.26 -16.23 10.80
CA THR A 88 -25.58 -15.88 10.27
C THR A 88 -26.12 -16.90 9.26
N GLN A 89 -25.23 -17.45 8.40
CA GLN A 89 -25.72 -18.41 7.38
C GLN A 89 -24.52 -19.07 6.72
N LEU A 90 -24.79 -20.23 6.13
CA LEU A 90 -23.79 -20.84 5.26
C LEU A 90 -24.41 -21.15 3.91
N HIS A 91 -23.56 -21.26 2.88
CA HIS A 91 -24.02 -21.56 1.52
C HIS A 91 -22.81 -22.06 0.73
N LEU A 92 -23.05 -22.52 -0.52
CA LEU A 92 -21.99 -23.06 -1.35
C LEU A 92 -22.00 -22.40 -2.73
N HIS A 93 -20.89 -22.62 -3.44
CA HIS A 93 -20.67 -22.17 -4.84
C HIS A 93 -20.12 -23.36 -5.61
N TRP A 94 -20.60 -23.50 -6.86
CA TRP A 94 -20.17 -24.65 -7.66
C TRP A 94 -20.24 -24.30 -9.15
N GLY A 95 -19.80 -25.28 -9.97
CA GLY A 95 -19.69 -25.09 -11.42
C GLY A 95 -20.85 -25.81 -12.12
N ASN A 96 -20.52 -26.76 -12.99
CA ASN A 96 -21.57 -27.50 -13.68
C ASN A 96 -20.97 -28.84 -14.07
N PRO A 97 -21.81 -29.83 -14.45
CA PRO A 97 -21.29 -31.16 -14.71
C PRO A 97 -20.29 -31.24 -15.84
N ASN A 98 -20.41 -30.34 -16.84
CA ASN A 98 -19.44 -30.35 -17.93
C ASN A 98 -18.13 -29.67 -17.58
N ASP A 99 -18.10 -28.90 -16.48
CA ASP A 99 -16.88 -28.23 -16.07
C ASP A 99 -16.96 -28.08 -14.54
N PRO A 100 -16.69 -29.17 -13.80
CA PRO A 100 -17.05 -29.24 -12.37
C PRO A 100 -15.96 -28.61 -11.52
N HIS A 101 -15.73 -27.31 -11.75
CA HIS A 101 -14.63 -26.59 -11.10
C HIS A 101 -15.09 -25.20 -10.76
N GLY A 102 -15.95 -25.07 -9.75
CA GLY A 102 -16.68 -23.83 -9.47
C GLY A 102 -16.40 -23.26 -8.08
N SER A 103 -15.21 -23.52 -7.49
CA SER A 103 -14.84 -22.74 -6.32
C SER A 103 -14.70 -21.27 -6.74
N GLU A 104 -14.79 -20.38 -5.75
CA GLU A 104 -14.59 -18.96 -5.96
C GLU A 104 -13.11 -18.60 -5.89
N HIS A 105 -12.47 -18.87 -4.75
CA HIS A 105 -11.03 -18.74 -4.66
C HIS A 105 -10.37 -19.83 -5.52
N THR A 106 -9.19 -19.50 -6.03
CA THR A 106 -8.33 -20.44 -6.74
C THR A 106 -7.01 -20.52 -6.00
N VAL A 107 -6.27 -21.63 -6.21
CA VAL A 107 -4.97 -21.83 -5.56
C VAL A 107 -3.98 -22.10 -6.68
N SER A 108 -3.04 -21.19 -6.86
CA SER A 108 -2.07 -21.30 -7.95
C SER A 108 -2.78 -21.44 -9.31
N GLY A 109 -3.86 -20.66 -9.46
CA GLY A 109 -4.62 -20.56 -10.68
C GLY A 109 -5.67 -21.66 -10.81
N GLN A 110 -5.74 -22.65 -9.91
CA GLN A 110 -6.64 -23.78 -10.06
C GLN A 110 -7.90 -23.66 -9.22
N HIS A 111 -9.04 -23.92 -9.88
CA HIS A 111 -10.30 -24.01 -9.17
C HIS A 111 -10.44 -25.36 -8.51
N PHE A 112 -11.03 -25.37 -7.33
CA PHE A 112 -11.56 -26.57 -6.75
C PHE A 112 -12.96 -26.83 -7.27
N ALA A 113 -13.51 -27.99 -6.94
CA ALA A 113 -14.83 -28.36 -7.44
C ALA A 113 -15.91 -27.41 -6.95
N ALA A 114 -15.82 -27.02 -5.66
CA ALA A 114 -16.86 -26.19 -5.07
C ALA A 114 -16.24 -25.47 -3.86
N GLU A 115 -17.07 -24.62 -3.20
CA GLU A 115 -16.54 -23.90 -2.04
C GLU A 115 -17.71 -23.64 -1.10
N LEU A 116 -17.50 -23.88 0.21
CA LEU A 116 -18.49 -23.58 1.24
C LEU A 116 -18.06 -22.29 1.94
N HIS A 117 -19.05 -21.43 2.19
CA HIS A 117 -18.83 -20.22 2.99
C HIS A 117 -19.72 -20.23 4.22
N ILE A 118 -19.09 -19.95 5.36
CA ILE A 118 -19.83 -19.80 6.61
C ILE A 118 -19.69 -18.32 6.98
N VAL A 119 -20.79 -17.58 6.83
CA VAL A 119 -20.75 -16.13 7.01
C VAL A 119 -21.02 -15.79 8.47
N HIS A 120 -20.23 -14.86 8.99
CA HIS A 120 -20.40 -14.36 10.35
C HIS A 120 -20.35 -12.84 10.33
N TYR A 121 -20.91 -12.20 11.37
CA TYR A 121 -20.91 -10.75 11.49
C TYR A 121 -20.38 -10.33 12.85
N ASN A 122 -19.85 -9.10 12.94
CA ASN A 122 -19.29 -8.58 14.20
C ASN A 122 -20.43 -8.21 15.13
N SER A 123 -20.75 -9.14 16.03
CA SER A 123 -21.89 -8.95 16.91
C SER A 123 -21.47 -8.10 18.12
N ASP A 124 -20.17 -7.85 18.35
CA ASP A 124 -19.76 -6.91 19.42
C ASP A 124 -20.09 -5.49 19.02
N LEU A 125 -20.01 -5.23 17.71
CA LEU A 125 -20.15 -3.87 17.20
C LEU A 125 -21.56 -3.62 16.64
N TYR A 126 -22.22 -4.68 16.08
CA TYR A 126 -23.45 -4.55 15.28
C TYR A 126 -24.54 -5.53 15.69
N PRO A 127 -25.84 -5.23 15.52
CA PRO A 127 -26.92 -6.13 15.99
C PRO A 127 -27.33 -7.30 15.10
N ASP A 128 -26.98 -7.22 13.82
CA ASP A 128 -27.31 -8.30 12.88
C ASP A 128 -26.43 -8.18 11.64
N ALA A 129 -26.41 -9.23 10.82
CA ALA A 129 -25.51 -9.28 9.69
C ALA A 129 -25.87 -8.23 8.65
N SER A 130 -27.15 -7.96 8.43
CA SER A 130 -27.54 -6.95 7.45
C SER A 130 -26.91 -5.60 7.81
N THR A 131 -27.04 -5.21 9.09
CA THR A 131 -26.52 -3.93 9.55
C THR A 131 -25.00 -3.93 9.41
N ALA A 132 -24.35 -5.02 9.83
CA ALA A 132 -22.90 -5.10 9.77
C ALA A 132 -22.34 -5.06 8.35
N SER A 133 -23.14 -5.46 7.37
CA SER A 133 -22.58 -5.87 6.08
C SER A 133 -21.92 -4.70 5.34
N ASN A 134 -22.30 -3.44 5.64
CA ASN A 134 -21.73 -2.27 5.01
C ASN A 134 -20.87 -1.44 5.96
N LYS A 135 -20.41 -2.06 7.04
CA LYS A 135 -19.70 -1.32 8.06
C LYS A 135 -18.30 -1.87 8.26
N SER A 136 -17.46 -1.00 8.84
CA SER A 136 -16.08 -1.35 9.16
C SER A 136 -16.00 -2.57 10.07
N GLU A 137 -15.10 -3.51 9.74
CA GLU A 137 -14.89 -4.72 10.55
C GLU A 137 -16.18 -5.55 10.59
N GLY A 138 -17.07 -5.41 9.57
CA GLY A 138 -18.42 -5.92 9.71
C GLY A 138 -18.57 -7.43 9.65
N LEU A 139 -17.86 -8.06 8.70
CA LEU A 139 -18.12 -9.47 8.39
C LEU A 139 -16.84 -10.30 8.44
N ALA A 140 -17.00 -11.62 8.71
CA ALA A 140 -15.91 -12.56 8.60
C ALA A 140 -16.49 -13.81 7.98
N VAL A 141 -15.84 -14.30 6.91
CA VAL A 141 -16.32 -15.50 6.24
C VAL A 141 -15.26 -16.56 6.33
N LEU A 142 -15.68 -17.80 6.66
CA LEU A 142 -14.81 -18.96 6.58
C LEU A 142 -15.08 -19.67 5.26
N ALA A 143 -14.02 -19.99 4.54
CA ALA A 143 -14.17 -20.66 3.24
C ALA A 143 -13.46 -22.02 3.27
N VAL A 144 -14.24 -23.03 2.84
CA VAL A 144 -13.73 -24.37 2.73
C VAL A 144 -13.72 -24.77 1.24
N LEU A 145 -12.56 -25.14 0.73
CA LEU A 145 -12.43 -25.66 -0.63
C LEU A 145 -12.85 -27.11 -0.66
N ILE A 146 -13.58 -27.50 -1.72
CA ILE A 146 -14.16 -28.84 -1.81
C ILE A 146 -13.64 -29.48 -3.09
N GLU A 147 -13.18 -30.74 -2.97
CA GLU A 147 -12.75 -31.52 -4.13
C GLU A 147 -13.51 -32.83 -4.13
N MET A 148 -13.69 -33.41 -5.32
N MET A 148 -13.37 -33.49 -5.28
CA MET A 148 -14.35 -34.70 -5.43
CA MET A 148 -13.99 -34.79 -5.45
C MET A 148 -13.41 -35.82 -4.92
C MET A 148 -13.16 -35.83 -4.69
N GLY A 149 -13.88 -36.72 -4.02
CA GLY A 149 -13.16 -37.86 -3.46
C GLY A 149 -14.13 -38.78 -2.74
N SER A 150 -13.83 -39.19 -1.49
N SER A 150 -13.91 -38.98 -1.43
CA SER A 150 -14.72 -40.10 -0.79
CA SER A 150 -14.74 -39.89 -0.67
C SER A 150 -15.99 -39.37 -0.35
C SER A 150 -16.09 -39.27 -0.35
N PHE A 151 -17.08 -40.14 -0.20
CA PHE A 151 -18.37 -39.69 0.30
C PHE A 151 -18.22 -39.02 1.66
N ASN A 152 -18.92 -37.90 1.86
CA ASN A 152 -18.79 -37.14 3.07
C ASN A 152 -20.14 -37.13 3.78
N PRO A 153 -20.29 -37.96 4.85
CA PRO A 153 -21.58 -38.04 5.55
C PRO A 153 -22.02 -36.69 6.13
N SER A 154 -21.04 -35.88 6.54
CA SER A 154 -21.41 -34.60 7.15
C SER A 154 -22.00 -33.63 6.14
N TYR A 155 -21.36 -33.50 4.97
CA TYR A 155 -21.99 -32.66 3.95
C TYR A 155 -23.36 -33.20 3.55
N ASP A 156 -23.56 -34.51 3.62
CA ASP A 156 -24.88 -35.08 3.26
C ASP A 156 -25.98 -34.60 4.23
N LYS A 157 -25.64 -34.14 5.43
CA LYS A 157 -26.65 -33.60 6.31
C LYS A 157 -27.29 -32.37 5.71
N ILE A 158 -26.57 -31.65 4.83
CA ILE A 158 -27.19 -30.59 4.05
C ILE A 158 -27.75 -31.13 2.73
N PHE A 159 -26.90 -31.89 2.00
CA PHE A 159 -27.27 -32.23 0.63
C PHE A 159 -28.52 -33.11 0.51
N SER A 160 -28.84 -33.89 1.57
CA SER A 160 -29.99 -34.77 1.56
C SER A 160 -31.28 -33.94 1.47
N HIS A 161 -31.23 -32.66 1.83
CA HIS A 161 -32.41 -31.79 1.81
C HIS A 161 -32.58 -31.04 0.50
N LEU A 162 -31.58 -31.14 -0.41
CA LEU A 162 -31.61 -30.20 -1.53
C LEU A 162 -32.85 -30.36 -2.42
N GLN A 163 -33.37 -31.58 -2.64
CA GLN A 163 -34.52 -31.72 -3.52
C GLN A 163 -35.67 -30.83 -3.00
N HIS A 164 -35.78 -30.66 -1.68
CA HIS A 164 -36.92 -29.93 -1.12
C HIS A 164 -36.78 -28.42 -1.29
N VAL A 165 -35.60 -27.95 -1.72
CA VAL A 165 -35.43 -26.53 -2.02
C VAL A 165 -34.94 -26.29 -3.44
N LYS A 166 -35.43 -27.11 -4.37
CA LYS A 166 -35.06 -27.02 -5.77
C LYS A 166 -35.41 -25.65 -6.37
N TYR A 167 -36.54 -25.03 -5.96
CA TYR A 167 -36.99 -23.82 -6.68
C TYR A 167 -36.90 -22.59 -5.78
N LYS A 168 -36.72 -21.42 -6.40
CA LYS A 168 -36.73 -20.16 -5.66
C LYS A 168 -37.97 -20.05 -4.77
N GLY A 169 -37.78 -19.61 -3.53
CA GLY A 169 -38.90 -19.42 -2.62
C GLY A 169 -39.14 -20.65 -1.73
N GLN A 170 -38.58 -21.80 -2.10
CA GLN A 170 -38.78 -23.00 -1.31
C GLN A 170 -37.86 -23.05 -0.09
N GLU A 171 -38.32 -23.75 0.97
N GLU A 171 -38.32 -23.80 0.91
CA GLU A 171 -37.66 -23.79 2.27
CA GLU A 171 -37.61 -23.94 2.15
C GLU A 171 -37.82 -25.18 2.86
C GLU A 171 -37.71 -25.36 2.68
N ALA A 172 -36.83 -25.64 3.64
CA ALA A 172 -36.86 -26.93 4.33
C ALA A 172 -36.19 -26.72 5.67
N PHE A 173 -36.51 -27.55 6.61
CA PHE A 173 -35.98 -27.46 7.95
C PHE A 173 -34.93 -28.54 8.09
N VAL A 174 -33.76 -28.13 8.56
CA VAL A 174 -32.63 -29.02 8.78
C VAL A 174 -32.39 -29.15 10.28
N PRO A 175 -32.40 -30.37 10.86
CA PRO A 175 -32.11 -30.57 12.29
C PRO A 175 -30.66 -30.22 12.60
N GLY A 176 -30.43 -29.67 13.79
CA GLY A 176 -29.07 -29.21 14.07
C GLY A 176 -28.08 -30.36 13.99
N PHE A 177 -26.85 -30.07 13.52
CA PHE A 177 -25.74 -30.99 13.55
C PHE A 177 -24.46 -30.20 13.81
N ASN A 178 -23.34 -30.91 14.00
CA ASN A 178 -22.09 -30.21 14.33
C ASN A 178 -21.50 -29.61 13.04
N ILE A 179 -21.62 -28.30 12.89
CA ILE A 179 -21.12 -27.62 11.70
C ILE A 179 -19.60 -27.78 11.58
N GLU A 180 -18.88 -27.97 12.70
CA GLU A 180 -17.45 -28.15 12.59
C GLU A 180 -17.08 -29.37 11.71
N GLU A 181 -18.02 -30.31 11.59
CA GLU A 181 -17.82 -31.47 10.72
C GLU A 181 -17.58 -31.07 9.25
N LEU A 182 -18.02 -29.86 8.86
CA LEU A 182 -17.84 -29.40 7.50
C LEU A 182 -16.45 -28.82 7.27
N LEU A 183 -15.68 -28.57 8.35
CA LEU A 183 -14.39 -27.96 8.21
C LEU A 183 -13.37 -29.03 7.87
N PRO A 184 -12.27 -28.64 7.19
CA PRO A 184 -11.21 -29.57 6.84
C PRO A 184 -10.29 -29.90 8.00
N GLU A 185 -9.35 -30.75 7.66
CA GLU A 185 -8.24 -31.06 8.54
C GLU A 185 -7.37 -29.82 8.74
N ARG A 186 -6.82 -29.75 9.96
CA ARG A 186 -5.82 -28.76 10.31
C ARG A 186 -6.35 -27.36 10.02
N THR A 187 -7.44 -27.01 10.66
CA THR A 187 -7.98 -25.67 10.50
C THR A 187 -7.02 -24.58 10.99
N ALA A 188 -6.00 -24.93 11.79
CA ALA A 188 -4.92 -23.97 12.09
C ALA A 188 -4.23 -23.36 10.86
N GLU A 189 -4.31 -24.07 9.72
CA GLU A 189 -3.59 -23.67 8.51
C GLU A 189 -4.62 -22.97 7.60
N TYR A 190 -4.40 -21.67 7.36
CA TYR A 190 -5.34 -20.91 6.57
C TYR A 190 -4.66 -19.73 5.90
N TYR A 191 -5.35 -19.21 4.87
CA TYR A 191 -5.04 -17.94 4.22
C TYR A 191 -5.96 -16.86 4.80
N ARG A 192 -5.46 -15.64 4.93
CA ARG A 192 -6.23 -14.54 5.52
C ARG A 192 -5.99 -13.28 4.70
N TYR A 193 -7.07 -12.59 4.35
CA TYR A 193 -6.94 -11.31 3.67
C TYR A 193 -8.22 -10.54 3.85
N ARG A 194 -8.15 -9.22 3.62
N ARG A 194 -8.13 -9.22 3.65
CA ARG A 194 -9.34 -8.39 3.68
CA ARG A 194 -9.29 -8.33 3.68
C ARG A 194 -9.91 -8.19 2.28
C ARG A 194 -9.89 -8.21 2.28
N GLY A 195 -11.18 -8.54 2.15
CA GLY A 195 -11.82 -8.46 0.85
C GLY A 195 -13.28 -8.12 0.99
N SER A 196 -14.08 -8.74 0.09
CA SER A 196 -15.45 -8.28 -0.09
C SER A 196 -16.42 -9.47 -0.10
N LEU A 197 -17.72 -9.14 -0.10
CA LEU A 197 -18.77 -10.06 -0.55
C LEU A 197 -18.53 -10.42 -2.00
N THR A 198 -18.73 -11.71 -2.35
CA THR A 198 -18.56 -12.14 -3.74
C THR A 198 -19.85 -12.08 -4.54
N THR A 199 -20.92 -11.58 -3.92
CA THR A 199 -22.15 -11.28 -4.61
C THR A 199 -22.48 -9.84 -4.32
N PRO A 200 -23.41 -9.24 -5.12
CA PRO A 200 -24.00 -7.96 -4.75
C PRO A 200 -24.43 -8.02 -3.28
N PRO A 201 -24.24 -6.93 -2.51
CA PRO A 201 -23.73 -5.64 -2.97
C PRO A 201 -22.22 -5.53 -3.02
N CYS A 202 -21.47 -6.61 -2.80
CA CYS A 202 -20.00 -6.63 -2.99
C CYS A 202 -19.28 -5.74 -1.98
N ASN A 203 -19.88 -5.55 -0.78
CA ASN A 203 -19.29 -4.62 0.17
C ASN A 203 -17.90 -5.09 0.59
N PRO A 204 -16.92 -4.16 0.69
CA PRO A 204 -15.52 -4.51 1.00
C PRO A 204 -15.30 -4.62 2.52
N THR A 205 -16.11 -5.46 3.14
CA THR A 205 -16.23 -5.47 4.61
C THR A 205 -15.93 -6.86 5.21
N VAL A 206 -15.32 -7.76 4.39
CA VAL A 206 -15.17 -9.15 4.81
C VAL A 206 -13.72 -9.42 5.14
N LEU A 207 -13.50 -10.00 6.33
CA LEU A 207 -12.22 -10.60 6.69
C LEU A 207 -12.35 -12.08 6.27
N TRP A 208 -11.56 -12.45 5.24
CA TRP A 208 -11.64 -13.82 4.71
C TRP A 208 -10.64 -14.72 5.43
N THR A 209 -11.10 -15.94 5.72
CA THR A 209 -10.24 -17.02 6.19
C THR A 209 -10.52 -18.19 5.25
N VAL A 210 -9.54 -18.56 4.40
CA VAL A 210 -9.74 -19.67 3.49
C VAL A 210 -8.85 -20.79 4.02
N PHE A 211 -9.43 -21.91 4.44
CA PHE A 211 -8.60 -22.95 4.98
C PHE A 211 -7.66 -23.50 3.92
N ARG A 212 -6.49 -23.93 4.37
N ARG A 212 -6.45 -23.86 4.29
CA ARG A 212 -5.46 -24.43 3.47
CA ARG A 212 -5.49 -24.38 3.32
C ARG A 212 -5.88 -25.73 2.79
C ARG A 212 -5.95 -25.74 2.74
N ASN A 213 -6.50 -26.62 3.58
CA ASN A 213 -6.76 -27.97 3.13
C ASN A 213 -8.21 -28.10 2.68
N PRO A 214 -8.47 -28.82 1.57
CA PRO A 214 -9.83 -29.03 1.11
C PRO A 214 -10.47 -30.19 1.88
N VAL A 215 -11.80 -30.26 1.77
CA VAL A 215 -12.56 -31.45 2.11
C VAL A 215 -12.84 -32.19 0.80
N GLN A 216 -13.30 -33.44 0.96
CA GLN A 216 -13.78 -34.26 -0.14
C GLN A 216 -15.25 -34.57 -0.02
N ILE A 217 -15.95 -34.54 -1.16
CA ILE A 217 -17.29 -35.13 -1.28
C ILE A 217 -17.27 -36.08 -2.47
N SER A 218 -18.24 -36.99 -2.55
CA SER A 218 -18.19 -37.96 -3.64
C SER A 218 -18.61 -37.35 -4.96
N GLN A 219 -18.30 -38.12 -6.01
CA GLN A 219 -18.74 -37.69 -7.33
C GLN A 219 -20.27 -37.56 -7.36
N GLU A 220 -20.97 -38.48 -6.68
CA GLU A 220 -22.42 -38.37 -6.67
C GLU A 220 -22.91 -37.17 -5.87
N GLN A 221 -22.24 -36.84 -4.75
CA GLN A 221 -22.67 -35.68 -3.98
C GLN A 221 -22.46 -34.40 -4.81
N LEU A 222 -21.30 -34.32 -5.49
CA LEU A 222 -21.01 -33.14 -6.31
C LEU A 222 -22.02 -32.99 -7.41
N LEU A 223 -22.35 -34.10 -8.10
CA LEU A 223 -23.35 -34.04 -9.14
C LEU A 223 -24.72 -33.60 -8.60
N ALA A 224 -25.09 -34.10 -7.41
CA ALA A 224 -26.34 -33.67 -6.80
C ALA A 224 -26.36 -32.16 -6.58
N LEU A 225 -25.27 -31.63 -6.01
CA LEU A 225 -25.19 -30.21 -5.78
C LEU A 225 -25.37 -29.45 -7.08
N GLU A 226 -24.75 -29.97 -8.15
CA GLU A 226 -24.75 -29.26 -9.43
C GLU A 226 -26.06 -29.38 -10.21
N THR A 227 -26.92 -30.33 -9.85
CA THR A 227 -28.10 -30.67 -10.66
C THR A 227 -29.40 -30.49 -9.87
N ALA A 228 -29.36 -30.33 -8.54
CA ALA A 228 -30.58 -30.38 -7.74
C ALA A 228 -31.38 -29.08 -7.79
N LEU A 229 -30.72 -27.95 -8.11
CA LEU A 229 -31.31 -26.65 -7.81
C LEU A 229 -31.51 -25.81 -9.06
N TYR A 230 -32.57 -25.00 -8.99
CA TYR A 230 -32.91 -23.98 -9.98
C TYR A 230 -32.91 -22.58 -9.33
N CYS A 231 -32.70 -21.57 -10.18
N CYS A 231 -32.70 -21.54 -10.15
CA CYS A 231 -32.71 -20.20 -9.74
CA CYS A 231 -32.75 -20.16 -9.69
C CYS A 231 -34.06 -19.54 -10.05
C CYS A 231 -34.19 -19.65 -9.73
N THR A 232 -35.04 -20.35 -10.51
CA THR A 232 -36.35 -19.83 -10.84
C THR A 232 -37.44 -20.42 -9.95
N HIS A 233 -38.60 -19.73 -9.91
CA HIS A 233 -39.76 -20.27 -9.22
C HIS A 233 -40.26 -21.53 -9.95
N MET A 234 -41.01 -22.33 -9.21
CA MET A 234 -41.51 -23.57 -9.75
C MET A 234 -42.39 -23.37 -10.99
N ASP A 235 -43.18 -22.27 -11.02
CA ASP A 235 -44.12 -22.06 -12.12
C ASP A 235 -43.54 -21.21 -13.26
N ASP A 236 -42.23 -20.94 -13.22
CA ASP A 236 -41.60 -20.12 -14.24
C ASP A 236 -41.58 -20.92 -15.55
N PRO A 237 -42.15 -20.41 -16.67
CA PRO A 237 -42.11 -21.18 -17.92
C PRO A 237 -40.72 -21.26 -18.58
N SER A 238 -39.73 -20.52 -18.05
CA SER A 238 -38.36 -20.54 -18.53
C SER A 238 -37.42 -20.89 -17.38
N PRO A 239 -37.35 -22.17 -16.96
CA PRO A 239 -36.51 -22.49 -15.82
C PRO A 239 -35.03 -22.21 -16.12
N ARG A 240 -34.28 -21.84 -15.07
CA ARG A 240 -32.84 -21.61 -15.15
C ARG A 240 -32.17 -22.48 -14.07
N GLU A 241 -31.24 -23.35 -14.45
CA GLU A 241 -30.50 -24.14 -13.45
C GLU A 241 -29.59 -23.26 -12.60
N MET A 242 -29.45 -23.62 -11.32
CA MET A 242 -28.49 -22.94 -10.47
C MET A 242 -27.16 -23.66 -10.61
N ILE A 243 -26.35 -23.12 -11.53
CA ILE A 243 -25.03 -23.67 -11.88
C ILE A 243 -24.08 -22.48 -12.05
N ASN A 244 -22.75 -22.77 -11.98
CA ASN A 244 -21.76 -21.72 -12.24
C ASN A 244 -22.02 -20.48 -11.38
N ASN A 245 -22.41 -20.70 -10.10
CA ASN A 245 -22.76 -19.60 -9.20
C ASN A 245 -21.53 -19.19 -8.43
N PHE A 246 -20.47 -18.82 -9.12
CA PHE A 246 -19.21 -18.35 -8.54
C PHE A 246 -18.83 -17.10 -9.31
N ARG A 247 -18.16 -16.18 -8.61
CA ARG A 247 -17.63 -15.00 -9.28
C ARG A 247 -16.23 -15.28 -9.81
N GLN A 248 -15.87 -14.71 -10.98
CA GLN A 248 -14.51 -14.79 -11.47
C GLN A 248 -13.55 -14.13 -10.47
N VAL A 249 -12.29 -14.59 -10.44
N VAL A 249 -12.29 -14.59 -10.48
CA VAL A 249 -11.34 -13.92 -9.57
CA VAL A 249 -11.24 -14.01 -9.66
C VAL A 249 -11.08 -12.50 -10.03
C VAL A 249 -10.98 -12.55 -10.04
N GLN A 250 -10.72 -11.71 -9.02
CA GLN A 250 -10.48 -10.28 -9.20
C GLN A 250 -8.99 -9.99 -9.19
N LYS A 251 -8.59 -8.91 -9.85
CA LYS A 251 -7.22 -8.45 -9.73
C LYS A 251 -6.93 -8.14 -8.28
N PHE A 252 -5.70 -8.43 -7.83
CA PHE A 252 -5.32 -8.20 -6.43
C PHE A 252 -3.85 -7.80 -6.55
N ASP A 253 -3.55 -6.49 -6.59
CA ASP A 253 -2.24 -5.89 -6.95
C ASP A 253 -1.64 -5.15 -5.77
N GLU A 254 -0.31 -5.31 -5.60
CA GLU A 254 0.44 -4.66 -4.48
C GLU A 254 -0.10 -5.13 -3.13
N ARG A 255 -0.66 -6.35 -3.07
CA ARG A 255 -1.26 -6.83 -1.82
CA ARG A 255 -1.29 -6.84 -1.73
C ARG A 255 -0.78 -8.24 -1.46
N LEU A 256 -0.74 -8.54 -0.17
CA LEU A 256 -0.45 -9.86 0.31
C LEU A 256 -1.71 -10.54 0.86
N VAL A 257 -1.63 -11.85 0.75
CA VAL A 257 -2.45 -12.72 1.54
C VAL A 257 -1.52 -13.29 2.57
N TYR A 258 -2.00 -13.26 3.80
CA TYR A 258 -1.19 -13.74 4.89
C TYR A 258 -1.55 -15.19 5.15
N THR A 259 -0.55 -15.96 5.54
CA THR A 259 -0.77 -17.38 5.80
C THR A 259 -0.38 -17.65 7.25
N SER A 260 -1.12 -18.59 7.84
CA SER A 260 -0.80 -19.02 9.18
C SER A 260 0.25 -20.12 9.18
N PHE A 261 0.66 -20.57 8.00
CA PHE A 261 1.62 -21.65 7.86
C PHE A 261 2.77 -21.12 7.02
N SER A 262 3.94 -21.73 7.21
CA SER A 262 5.04 -21.50 6.30
C SER A 262 5.38 -22.82 5.61
N TRP B 4 -12.23 4.81 -19.80
CA TRP B 4 -12.10 3.47 -19.21
C TRP B 4 -10.63 3.20 -18.97
N THR B 5 -10.38 2.36 -17.97
CA THR B 5 -9.03 2.01 -17.57
C THR B 5 -9.00 0.54 -17.23
N TYR B 6 -7.84 0.09 -16.72
CA TYR B 6 -7.69 -1.24 -16.17
C TYR B 6 -7.61 -1.23 -14.64
N PHE B 7 -7.81 -0.10 -14.00
CA PHE B 7 -7.57 -0.02 -12.56
C PHE B 7 -8.43 1.09 -11.99
N GLY B 8 -9.16 0.81 -10.91
CA GLY B 8 -9.88 1.86 -10.18
C GLY B 8 -11.32 2.01 -10.67
N PRO B 9 -12.01 3.16 -10.49
N PRO B 9 -11.92 3.17 -10.31
CA PRO B 9 -13.46 3.20 -10.65
CA PRO B 9 -13.31 3.48 -10.58
C PRO B 9 -13.90 3.15 -12.09
C PRO B 9 -13.75 3.03 -11.96
N ASP B 10 -12.91 3.30 -12.98
CA ASP B 10 -13.21 3.08 -14.39
C ASP B 10 -12.69 1.77 -14.97
N GLY B 11 -12.30 0.87 -14.06
CA GLY B 11 -11.74 -0.40 -14.50
C GLY B 11 -12.80 -1.42 -14.94
N GLU B 12 -12.35 -2.67 -15.14
CA GLU B 12 -13.09 -3.58 -16.01
C GLU B 12 -14.45 -3.98 -15.44
N ASN B 13 -14.63 -3.95 -14.11
CA ASN B 13 -15.96 -4.29 -13.58
C ASN B 13 -17.00 -3.22 -13.87
N SER B 14 -16.54 -2.03 -14.29
CA SER B 14 -17.38 -0.88 -14.60
C SER B 14 -17.54 -0.64 -16.10
N TRP B 15 -16.81 -1.35 -16.97
CA TRP B 15 -16.90 -1.05 -18.41
C TRP B 15 -18.35 -1.16 -18.87
N SER B 16 -19.08 -2.15 -18.38
CA SER B 16 -20.44 -2.38 -18.89
C SER B 16 -21.38 -1.20 -18.62
N LYS B 17 -21.02 -0.30 -17.70
CA LYS B 17 -21.86 0.87 -17.45
C LYS B 17 -21.96 1.79 -18.68
N LYS B 18 -20.86 1.85 -19.44
CA LYS B 18 -20.79 2.73 -20.64
C LYS B 18 -20.81 1.91 -21.95
N TYR B 19 -20.45 0.62 -21.89
CA TYR B 19 -20.20 -0.22 -23.04
C TYR B 19 -20.99 -1.50 -22.88
N PRO B 20 -22.27 -1.51 -23.26
CA PRO B 20 -23.13 -2.62 -22.90
C PRO B 20 -22.63 -3.99 -23.32
N SER B 21 -21.92 -4.09 -24.44
CA SER B 21 -21.48 -5.40 -24.86
C SER B 21 -20.49 -6.00 -23.86
N CYS B 22 -19.81 -5.19 -23.06
CA CYS B 22 -18.86 -5.72 -22.08
C CYS B 22 -19.54 -6.56 -21.01
N GLY B 23 -20.88 -6.39 -20.89
CA GLY B 23 -21.70 -7.20 -20.00
C GLY B 23 -22.52 -8.24 -20.74
N GLY B 24 -22.24 -8.43 -22.04
CA GLY B 24 -23.05 -9.33 -22.85
C GLY B 24 -22.38 -10.70 -22.96
N LEU B 25 -22.83 -11.42 -23.97
CA LEU B 25 -22.34 -12.77 -24.21
C LEU B 25 -21.02 -12.77 -24.98
N LEU B 26 -20.43 -13.96 -25.03
CA LEU B 26 -19.30 -14.31 -25.87
C LEU B 26 -18.06 -13.48 -25.50
N GLN B 27 -17.84 -13.15 -24.21
CA GLN B 27 -16.69 -12.28 -23.92
C GLN B 27 -15.38 -13.05 -23.83
N SER B 28 -14.33 -12.30 -24.15
CA SER B 28 -12.93 -12.72 -24.07
C SER B 28 -12.19 -11.85 -23.06
N PRO B 29 -11.04 -12.29 -22.54
CA PRO B 29 -10.40 -13.59 -22.77
C PRO B 29 -10.95 -14.69 -21.91
N ILE B 30 -10.41 -15.91 -22.05
CA ILE B 30 -10.87 -17.06 -21.32
C ILE B 30 -9.67 -17.87 -20.89
N ASP B 31 -9.93 -18.76 -19.92
CA ASP B 31 -8.96 -19.74 -19.48
C ASP B 31 -9.09 -20.98 -20.34
N LEU B 32 -7.98 -21.42 -20.90
CA LEU B 32 -7.97 -22.61 -21.77
C LEU B 32 -7.64 -23.79 -20.86
N HIS B 33 -8.61 -24.69 -20.64
CA HIS B 33 -8.36 -25.86 -19.79
C HIS B 33 -9.16 -27.03 -20.35
N SER B 34 -8.77 -28.24 -19.92
CA SER B 34 -9.13 -29.48 -20.61
C SER B 34 -10.65 -29.59 -20.77
N ASP B 35 -11.44 -29.28 -19.73
CA ASP B 35 -12.86 -29.60 -19.76
C ASP B 35 -13.59 -28.94 -20.91
N ILE B 36 -13.02 -27.84 -21.41
CA ILE B 36 -13.74 -27.07 -22.41
C ILE B 36 -13.08 -27.14 -23.79
N LEU B 37 -12.07 -28.00 -23.95
CA LEU B 37 -11.35 -28.15 -25.23
C LEU B 37 -11.97 -29.31 -26.01
N GLN B 38 -11.99 -29.19 -27.34
CA GLN B 38 -12.37 -30.34 -28.16
C GLN B 38 -11.60 -30.26 -29.47
N TYR B 39 -10.97 -31.37 -29.83
CA TYR B 39 -10.27 -31.44 -31.09
C TYR B 39 -11.25 -31.30 -32.24
N ASP B 40 -10.81 -30.54 -33.26
CA ASP B 40 -11.58 -30.38 -34.50
C ASP B 40 -10.64 -30.53 -35.68
N ALA B 41 -10.72 -31.68 -36.37
CA ALA B 41 -9.83 -31.98 -37.49
C ALA B 41 -10.00 -31.02 -38.67
N SER B 42 -11.12 -30.27 -38.73
N SER B 42 -11.10 -30.24 -38.68
CA SER B 42 -11.30 -29.28 -39.81
CA SER B 42 -11.32 -29.30 -39.76
C SER B 42 -10.43 -28.03 -39.64
C SER B 42 -10.57 -27.97 -39.56
N LEU B 43 -9.79 -27.86 -38.48
CA LEU B 43 -8.99 -26.66 -38.24
C LEU B 43 -7.64 -26.84 -38.88
N THR B 44 -7.63 -26.55 -40.18
CA THR B 44 -6.43 -26.71 -40.98
C THR B 44 -5.53 -25.49 -40.86
N PRO B 45 -4.27 -25.56 -41.35
CA PRO B 45 -3.32 -24.49 -41.08
C PRO B 45 -3.73 -23.20 -41.75
N LEU B 46 -3.50 -22.10 -41.04
CA LEU B 46 -3.66 -20.80 -41.68
C LEU B 46 -2.48 -20.56 -42.62
N GLU B 47 -2.69 -19.76 -43.67
CA GLU B 47 -1.61 -19.24 -44.48
C GLU B 47 -1.50 -17.74 -44.18
N PHE B 48 -0.25 -17.31 -43.90
CA PHE B 48 0.11 -15.92 -43.60
C PHE B 48 0.65 -15.28 -44.89
N GLN B 49 -0.05 -14.26 -45.41
N GLN B 49 -0.13 -14.37 -45.52
CA GLN B 49 0.23 -13.76 -46.75
CA GLN B 49 0.25 -13.77 -46.80
C GLN B 49 0.61 -12.30 -46.63
C GLN B 49 0.67 -12.32 -46.56
N GLY B 50 1.77 -11.92 -47.18
CA GLY B 50 2.17 -10.52 -47.10
C GLY B 50 2.65 -10.08 -45.71
N TYR B 51 2.99 -11.04 -44.84
CA TYR B 51 3.53 -10.69 -43.52
C TYR B 51 4.97 -10.19 -43.60
N ASN B 52 5.70 -10.47 -44.69
CA ASN B 52 7.08 -10.02 -44.77
C ASN B 52 7.12 -8.58 -45.27
N LEU B 53 6.99 -7.64 -44.34
CA LEU B 53 6.88 -6.24 -44.70
C LEU B 53 8.26 -5.71 -45.10
N SER B 54 8.28 -4.88 -46.17
CA SER B 54 9.57 -4.36 -46.63
C SER B 54 10.29 -3.52 -45.57
N ALA B 55 11.58 -3.79 -45.37
CA ALA B 55 12.42 -3.04 -44.43
C ALA B 55 12.63 -1.61 -44.91
N ASN B 56 12.33 -1.36 -46.20
CA ASN B 56 12.51 0.00 -46.72
C ASN B 56 11.23 0.82 -46.55
N LYS B 57 10.13 0.19 -46.15
CA LYS B 57 8.90 0.88 -45.82
C LYS B 57 8.83 1.07 -44.30
N GLN B 58 7.89 1.89 -43.86
CA GLN B 58 7.75 2.14 -42.42
C GLN B 58 6.28 2.17 -42.04
N PHE B 59 6.01 1.79 -40.78
CA PHE B 59 4.65 1.50 -40.34
C PHE B 59 4.46 2.26 -39.02
N LEU B 60 3.31 2.87 -38.88
CA LEU B 60 3.04 3.79 -37.78
C LEU B 60 2.72 3.08 -36.47
N LEU B 61 3.50 3.44 -35.45
CA LEU B 61 3.27 2.98 -34.07
C LEU B 61 2.62 4.14 -33.34
N THR B 62 1.51 3.88 -32.66
CA THR B 62 0.79 4.95 -31.96
C THR B 62 0.41 4.55 -30.54
N ASN B 63 0.61 5.47 -29.58
CA ASN B 63 0.03 5.33 -28.24
C ASN B 63 -1.28 6.10 -28.23
N ASN B 64 -2.41 5.37 -28.09
CA ASN B 64 -3.71 6.04 -28.06
C ASN B 64 -4.23 6.23 -26.64
N GLY B 65 -3.37 5.98 -25.63
CA GLY B 65 -3.80 6.11 -24.25
C GLY B 65 -4.29 4.83 -23.59
N HIS B 66 -4.81 3.93 -24.42
CA HIS B 66 -5.25 2.65 -23.91
C HIS B 66 -4.29 1.56 -24.33
N SER B 67 -3.60 1.75 -25.46
CA SER B 67 -2.79 0.75 -26.10
C SER B 67 -1.71 1.47 -26.88
N VAL B 68 -0.65 0.71 -27.18
CA VAL B 68 0.29 1.08 -28.24
C VAL B 68 0.12 0.07 -29.37
N LYS B 69 -0.23 0.58 -30.55
CA LYS B 69 -0.54 -0.32 -31.65
C LYS B 69 0.39 0.03 -32.82
N LEU B 70 0.74 -1.00 -33.60
CA LEU B 70 1.45 -0.84 -34.86
C LEU B 70 0.45 -1.06 -35.98
N ASN B 71 0.26 -0.04 -36.80
CA ASN B 71 -0.64 -0.18 -37.98
C ASN B 71 -0.01 -1.12 -38.98
N LEU B 72 -0.88 -1.94 -39.59
CA LEU B 72 -0.41 -2.91 -40.56
C LEU B 72 -1.14 -2.68 -41.88
N PRO B 73 -0.52 -3.05 -43.01
CA PRO B 73 -1.11 -2.74 -44.32
C PRO B 73 -2.15 -3.79 -44.68
N SER B 74 -3.10 -3.36 -45.49
CA SER B 74 -4.17 -4.28 -45.82
C SER B 74 -3.74 -5.36 -46.82
N ASP B 75 -2.53 -5.26 -47.42
CA ASP B 75 -2.04 -6.35 -48.27
C ASP B 75 -1.51 -7.51 -47.45
N MET B 76 -1.54 -7.37 -46.12
CA MET B 76 -1.15 -8.46 -45.24
C MET B 76 -2.42 -9.21 -44.88
N HIS B 77 -2.42 -10.51 -45.13
CA HIS B 77 -3.67 -11.26 -44.93
C HIS B 77 -3.50 -12.65 -44.31
N ILE B 78 -4.57 -13.17 -43.73
CA ILE B 78 -4.59 -14.60 -43.39
C ILE B 78 -5.69 -15.27 -44.16
N GLN B 79 -5.34 -16.47 -44.60
CA GLN B 79 -6.28 -17.26 -45.42
C GLN B 79 -6.35 -18.63 -44.77
N GLY B 80 -7.38 -19.39 -45.14
CA GLY B 80 -7.60 -20.66 -44.46
C GLY B 80 -8.93 -20.46 -43.77
N LEU B 81 -9.25 -19.18 -43.52
CA LEU B 81 -10.61 -18.90 -43.00
C LEU B 81 -11.56 -18.84 -44.20
N SER B 83 -13.20 -16.57 -45.28
CA SER B 83 -12.95 -15.32 -46.03
C SER B 83 -11.47 -14.98 -45.88
N ARG B 84 -11.00 -14.05 -46.69
CA ARG B 84 -9.63 -13.57 -46.49
C ARG B 84 -9.78 -12.45 -45.45
N TYR B 85 -8.92 -12.49 -44.44
CA TYR B 85 -8.90 -11.43 -43.43
C TYR B 85 -7.64 -10.63 -43.62
N SER B 86 -7.76 -9.26 -43.63
CA SER B 86 -6.60 -8.41 -43.79
C SER B 86 -6.22 -7.85 -42.43
N ALA B 87 -4.92 -7.73 -42.26
CA ALA B 87 -4.40 -7.17 -41.05
C ALA B 87 -4.79 -5.70 -40.94
N THR B 88 -4.95 -5.25 -39.69
CA THR B 88 -5.16 -3.83 -39.42
C THR B 88 -4.14 -3.30 -38.43
N GLN B 89 -3.85 -4.04 -37.36
CA GLN B 89 -2.91 -3.53 -36.35
C GLN B 89 -2.50 -4.70 -35.48
N LEU B 90 -1.36 -4.51 -34.80
CA LEU B 90 -1.01 -5.40 -33.70
C LEU B 90 -0.74 -4.57 -32.44
N HIS B 91 -0.82 -5.24 -31.30
CA HIS B 91 -0.56 -4.61 -30.00
C HIS B 91 -0.30 -5.70 -28.99
N LEU B 92 0.09 -5.29 -27.77
CA LEU B 92 0.39 -6.26 -26.71
C LEU B 92 -0.40 -5.94 -25.42
N HIS B 93 -0.36 -6.91 -24.51
CA HIS B 93 -0.91 -6.77 -23.16
C HIS B 93 0.14 -7.33 -22.22
N TRP B 94 0.31 -6.68 -21.05
CA TRP B 94 1.35 -7.05 -20.11
C TRP B 94 0.97 -6.70 -18.69
N GLY B 95 1.88 -7.07 -17.76
CA GLY B 95 1.65 -6.87 -16.33
C GLY B 95 2.42 -5.65 -15.85
N ASN B 96 3.32 -5.88 -14.86
CA ASN B 96 4.06 -4.75 -14.29
C ASN B 96 5.39 -5.27 -13.82
N PRO B 97 6.37 -4.39 -13.49
CA PRO B 97 7.69 -4.87 -13.13
C PRO B 97 7.75 -5.83 -11.95
N ASN B 98 6.84 -5.65 -11.00
CA ASN B 98 6.82 -6.51 -9.82
C ASN B 98 5.89 -7.71 -10.03
N ASP B 99 5.24 -7.83 -11.17
CA ASP B 99 4.37 -8.98 -11.44
C ASP B 99 4.31 -9.14 -12.96
N PRO B 100 5.32 -9.77 -13.59
CA PRO B 100 5.35 -9.88 -15.06
C PRO B 100 4.49 -11.05 -15.53
N HIS B 101 3.17 -10.93 -15.30
CA HIS B 101 2.21 -12.02 -15.58
C HIS B 101 0.93 -11.44 -16.12
N GLY B 102 1.00 -10.82 -17.30
CA GLY B 102 -0.08 -10.00 -17.85
C GLY B 102 -0.68 -10.52 -19.17
N SER B 103 -0.54 -11.82 -19.51
CA SER B 103 -1.33 -12.29 -20.63
C SER B 103 -2.81 -12.15 -20.33
N GLU B 104 -3.59 -12.14 -21.41
CA GLU B 104 -5.04 -12.09 -21.28
C GLU B 104 -5.61 -13.50 -21.19
N HIS B 105 -5.36 -14.33 -22.20
CA HIS B 105 -5.71 -15.75 -22.07
C HIS B 105 -4.78 -16.40 -21.05
N THR B 106 -5.32 -17.38 -20.34
CA THR B 106 -4.56 -18.20 -19.43
C THR B 106 -4.67 -19.64 -19.89
N VAL B 107 -3.71 -20.48 -19.48
CA VAL B 107 -3.75 -21.87 -19.91
C VAL B 107 -3.69 -22.66 -18.64
N SER B 108 -4.74 -23.49 -18.41
CA SER B 108 -4.83 -24.28 -17.18
C SER B 108 -4.55 -23.38 -15.96
N GLY B 109 -5.16 -22.18 -15.98
CA GLY B 109 -5.24 -21.23 -14.88
C GLY B 109 -4.01 -20.33 -14.74
N GLN B 110 -2.97 -20.51 -15.58
CA GLN B 110 -1.73 -19.77 -15.45
C GLN B 110 -1.65 -18.63 -16.47
N HIS B 111 -1.22 -17.47 -15.99
CA HIS B 111 -0.91 -16.35 -16.90
C HIS B 111 0.51 -16.48 -17.45
N PHE B 112 0.65 -16.17 -18.70
CA PHE B 112 1.94 -15.92 -19.31
C PHE B 112 2.40 -14.49 -19.01
N ALA B 113 3.64 -14.17 -19.36
CA ALA B 113 4.18 -12.85 -19.05
C ALA B 113 3.40 -11.79 -19.80
N ALA B 114 3.08 -12.05 -21.09
CA ALA B 114 2.45 -11.01 -21.91
C ALA B 114 1.76 -11.73 -23.07
N GLU B 115 1.12 -10.94 -23.94
CA GLU B 115 0.39 -11.54 -25.07
C GLU B 115 0.38 -10.53 -26.20
N LEU B 116 0.62 -11.04 -27.43
CA LEU B 116 0.57 -10.26 -28.66
C LEU B 116 -0.74 -10.57 -29.35
N HIS B 117 -1.41 -9.53 -29.84
CA HIS B 117 -2.61 -9.68 -30.68
C HIS B 117 -2.35 -9.06 -32.04
N ILE B 118 -2.64 -9.83 -33.10
CA ILE B 118 -2.57 -9.31 -34.46
C ILE B 118 -4.01 -9.32 -34.97
N VAL B 119 -4.55 -8.10 -35.09
CA VAL B 119 -5.95 -7.93 -35.38
C VAL B 119 -6.16 -7.87 -36.92
N HIS B 120 -7.16 -8.61 -37.40
CA HIS B 120 -7.50 -8.65 -38.82
C HIS B 120 -8.98 -8.43 -38.94
N TYR B 121 -9.38 -7.99 -40.13
CA TYR B 121 -10.77 -7.74 -40.39
C TYR B 121 -11.13 -8.39 -41.71
N ASN B 122 -12.38 -8.71 -41.85
CA ASN B 122 -12.78 -9.39 -43.08
C ASN B 122 -12.88 -8.41 -44.26
N SER B 123 -11.79 -8.33 -45.05
CA SER B 123 -11.70 -7.38 -46.14
C SER B 123 -12.44 -7.85 -47.40
N ASP B 124 -12.90 -9.11 -47.41
CA ASP B 124 -13.85 -9.58 -48.40
C ASP B 124 -15.17 -8.80 -48.29
N LEU B 125 -15.58 -8.51 -47.06
CA LEU B 125 -16.94 -8.04 -46.71
C LEU B 125 -16.95 -6.56 -46.32
N TYR B 126 -15.84 -6.04 -45.75
CA TYR B 126 -15.87 -4.71 -45.17
C TYR B 126 -14.67 -3.91 -45.65
N PRO B 127 -14.80 -2.56 -45.74
CA PRO B 127 -13.71 -1.70 -46.24
C PRO B 127 -12.67 -1.28 -45.19
N ASP B 128 -12.89 -1.65 -43.92
CA ASP B 128 -11.97 -1.26 -42.87
C ASP B 128 -12.40 -2.01 -41.61
N ALA B 129 -11.49 -2.05 -40.62
CA ALA B 129 -11.69 -2.76 -39.37
C ALA B 129 -12.78 -2.09 -38.53
N SER B 130 -12.85 -0.76 -38.47
CA SER B 130 -13.89 -0.12 -37.68
C SER B 130 -15.27 -0.64 -38.12
N THR B 131 -15.50 -0.62 -39.45
CA THR B 131 -16.77 -1.09 -39.98
C THR B 131 -17.02 -2.54 -39.58
N ALA B 132 -15.96 -3.40 -39.76
CA ALA B 132 -16.04 -4.84 -39.55
C ALA B 132 -16.36 -5.13 -38.08
N SER B 133 -15.89 -4.22 -37.20
CA SER B 133 -15.83 -4.50 -35.77
C SER B 133 -17.20 -4.78 -35.16
N ASN B 134 -18.28 -4.25 -35.76
N ASN B 134 -18.23 -4.34 -35.88
CA ASN B 134 -19.59 -4.58 -35.23
CA ASN B 134 -19.63 -4.39 -35.47
C ASN B 134 -20.34 -5.43 -36.25
C ASN B 134 -20.33 -5.64 -36.00
N LYS B 135 -19.64 -6.42 -36.85
CA LYS B 135 -20.30 -7.40 -37.72
C LYS B 135 -19.96 -8.82 -37.34
N GLY B 138 -16.71 -10.46 -38.20
CA GLY B 138 -16.01 -9.33 -38.83
C GLY B 138 -14.52 -9.32 -38.58
N LEU B 139 -14.14 -9.78 -37.35
CA LEU B 139 -12.74 -9.67 -36.94
C LEU B 139 -12.14 -11.05 -36.67
N ALA B 140 -10.83 -11.17 -36.92
CA ALA B 140 -10.09 -12.38 -36.54
C ALA B 140 -8.82 -11.89 -35.87
N VAL B 141 -8.58 -12.37 -34.63
CA VAL B 141 -7.39 -11.93 -33.90
C VAL B 141 -6.53 -13.16 -33.67
N LEU B 142 -5.25 -13.03 -34.01
CA LEU B 142 -4.28 -14.04 -33.67
C LEU B 142 -3.63 -13.64 -32.36
N ALA B 143 -3.51 -14.58 -31.44
CA ALA B 143 -2.89 -14.33 -30.14
C ALA B 143 -1.69 -15.21 -29.98
N VAL B 144 -0.59 -14.58 -29.56
CA VAL B 144 0.64 -15.27 -29.23
C VAL B 144 0.93 -15.04 -27.75
N LEU B 145 1.02 -16.15 -27.01
CA LEU B 145 1.39 -16.12 -25.59
C LEU B 145 2.88 -15.89 -25.49
N ILE B 146 3.29 -15.03 -24.54
CA ILE B 146 4.69 -14.66 -24.41
C ILE B 146 5.19 -15.02 -23.02
N GLU B 147 6.31 -15.73 -22.99
N GLU B 147 6.24 -15.81 -22.91
CA GLU B 147 6.96 -16.23 -21.77
CA GLU B 147 6.81 -16.09 -21.61
C GLU B 147 8.24 -15.43 -21.54
C GLU B 147 8.19 -15.45 -21.51
N MET B 148 8.60 -15.24 -20.27
CA MET B 148 9.92 -14.74 -19.97
C MET B 148 10.94 -15.81 -20.34
N GLY B 149 11.93 -15.42 -21.12
CA GLY B 149 12.91 -16.37 -21.62
C GLY B 149 14.07 -15.64 -22.28
N SER B 150 14.45 -16.15 -23.46
CA SER B 150 15.54 -15.54 -24.20
C SER B 150 15.13 -14.20 -24.82
N PHE B 151 16.15 -13.35 -24.99
CA PHE B 151 16.02 -12.14 -25.79
C PHE B 151 15.49 -12.45 -27.17
N ASN B 152 14.52 -11.66 -27.63
CA ASN B 152 13.88 -11.91 -28.91
C ASN B 152 14.15 -10.73 -29.85
N PRO B 153 15.09 -10.87 -30.80
CA PRO B 153 15.44 -9.75 -31.66
C PRO B 153 14.25 -9.28 -32.49
N SER B 154 13.35 -10.20 -32.86
CA SER B 154 12.20 -9.83 -33.68
C SER B 154 11.23 -8.92 -32.93
N TYR B 155 10.87 -9.32 -31.69
CA TYR B 155 10.02 -8.43 -30.91
C TYR B 155 10.75 -7.11 -30.61
N ASP B 156 12.07 -7.15 -30.50
CA ASP B 156 12.79 -5.92 -30.23
C ASP B 156 12.66 -4.90 -31.36
N LYS B 157 12.30 -5.36 -32.58
CA LYS B 157 12.06 -4.44 -33.68
C LYS B 157 10.90 -3.51 -33.35
N ILE B 158 9.95 -3.96 -32.52
CA ILE B 158 8.90 -3.10 -32.01
C ILE B 158 9.38 -2.41 -30.72
N PHE B 159 9.90 -3.19 -29.75
CA PHE B 159 10.13 -2.66 -28.41
C PHE B 159 11.16 -1.55 -28.40
N SER B 160 12.08 -1.56 -29.37
CA SER B 160 13.15 -0.55 -29.42
C SER B 160 12.60 0.82 -29.78
N HIS B 161 11.30 0.92 -30.11
CA HIS B 161 10.71 2.21 -30.44
C HIS B 161 9.75 2.70 -29.34
N LEU B 162 9.50 1.89 -28.33
CA LEU B 162 8.54 2.32 -27.29
C LEU B 162 8.92 3.59 -26.50
N GLN B 163 10.21 3.91 -26.31
N GLN B 163 10.21 3.86 -26.30
CA GLN B 163 10.62 5.11 -25.58
CA GLN B 163 10.58 5.08 -25.58
C GLN B 163 10.35 6.35 -26.43
C GLN B 163 10.00 6.27 -26.32
N HIS B 164 9.78 6.14 -27.58
CA HIS B 164 9.48 7.23 -28.53
C HIS B 164 7.96 7.38 -28.69
N VAL B 165 7.18 6.55 -27.98
CA VAL B 165 5.68 6.68 -27.99
C VAL B 165 5.22 6.61 -26.53
N LYS B 166 6.04 7.13 -25.62
N LYS B 166 6.04 7.20 -25.68
CA LYS B 166 5.74 6.98 -24.19
CA LYS B 166 5.84 7.11 -24.25
C LYS B 166 4.37 7.53 -23.81
C LYS B 166 4.47 7.59 -23.80
N TYR B 167 3.92 8.60 -24.47
CA TYR B 167 2.71 9.25 -23.98
C TYR B 167 1.58 9.15 -24.99
N LYS B 168 0.36 9.25 -24.46
CA LYS B 168 -0.84 9.26 -25.29
C LYS B 168 -0.71 10.32 -26.38
N GLY B 169 -1.07 9.92 -27.60
CA GLY B 169 -1.07 10.76 -28.79
C GLY B 169 0.23 10.75 -29.56
N GLN B 170 1.27 10.15 -29.00
CA GLN B 170 2.54 10.11 -29.71
C GLN B 170 2.58 9.00 -30.75
N GLU B 171 3.34 9.26 -31.81
CA GLU B 171 3.46 8.31 -32.92
C GLU B 171 4.93 8.22 -33.30
N ALA B 172 5.31 7.07 -33.85
CA ALA B 172 6.66 6.84 -34.34
C ALA B 172 6.54 5.90 -35.54
N PHE B 173 7.56 5.82 -36.36
CA PHE B 173 7.63 4.87 -37.46
C PHE B 173 8.56 3.71 -37.13
N VAL B 174 8.11 2.53 -37.51
CA VAL B 174 8.88 1.31 -37.36
C VAL B 174 9.18 0.78 -38.76
N PRO B 175 10.47 0.52 -39.11
CA PRO B 175 10.75 -0.10 -40.43
C PRO B 175 10.04 -1.45 -40.55
N GLY B 176 9.60 -1.79 -41.76
CA GLY B 176 9.05 -3.11 -41.92
C GLY B 176 9.99 -4.25 -41.56
N PHE B 177 9.34 -5.35 -41.12
CA PHE B 177 10.08 -6.59 -40.88
C PHE B 177 9.08 -7.70 -41.12
N ASN B 178 9.59 -8.93 -41.05
CA ASN B 178 8.73 -10.06 -41.29
C ASN B 178 7.92 -10.39 -40.02
N ILE B 179 6.64 -10.03 -40.05
CA ILE B 179 5.77 -10.21 -38.89
C ILE B 179 5.66 -11.69 -38.52
N GLU B 180 5.90 -12.62 -39.44
N GLU B 180 5.89 -12.59 -39.47
CA GLU B 180 5.82 -14.02 -39.04
CA GLU B 180 5.89 -14.01 -39.14
C GLU B 180 6.93 -14.39 -38.06
C GLU B 180 6.88 -14.34 -38.03
N GLU B 181 7.95 -13.54 -37.93
CA GLU B 181 8.98 -13.77 -36.91
C GLU B 181 8.42 -13.64 -35.50
N LEU B 182 7.26 -13.00 -35.35
CA LEU B 182 6.62 -12.84 -34.03
C LEU B 182 5.82 -14.08 -33.65
N LEU B 183 5.57 -14.99 -34.60
CA LEU B 183 4.74 -16.16 -34.34
C LEU B 183 5.60 -17.27 -33.76
N PRO B 184 4.96 -18.18 -32.99
CA PRO B 184 5.70 -19.28 -32.36
C PRO B 184 5.90 -20.43 -33.31
N GLU B 185 6.57 -21.44 -32.75
N GLU B 185 6.63 -21.43 -32.80
CA GLU B 185 6.71 -22.72 -33.41
CA GLU B 185 6.78 -22.69 -33.51
C GLU B 185 5.35 -23.37 -33.66
C GLU B 185 5.43 -23.40 -33.65
N ARG B 186 5.30 -24.13 -34.77
CA ARG B 186 4.16 -25.00 -35.07
C ARG B 186 2.85 -24.20 -35.03
N THR B 187 2.76 -23.19 -35.90
CA THR B 187 1.54 -22.41 -35.98
C THR B 187 0.36 -23.23 -36.42
N ALA B 188 0.55 -24.44 -36.98
CA ALA B 188 -0.58 -25.29 -37.27
C ALA B 188 -1.34 -25.71 -36.02
N GLU B 189 -0.72 -25.57 -34.85
N GLU B 189 -0.70 -25.65 -34.84
CA GLU B 189 -1.31 -26.00 -33.58
CA GLU B 189 -1.34 -26.02 -33.57
C GLU B 189 -1.88 -24.78 -32.85
C GLU B 189 -1.88 -24.78 -32.88
N TYR B 190 -3.21 -24.72 -32.74
CA TYR B 190 -3.88 -23.53 -32.18
C TYR B 190 -5.20 -23.94 -31.55
N TYR B 191 -5.64 -23.01 -30.69
CA TYR B 191 -6.98 -23.00 -30.13
C TYR B 191 -7.82 -22.00 -30.92
N ARG B 192 -9.10 -22.35 -31.15
CA ARG B 192 -10.00 -21.49 -31.92
C ARG B 192 -11.32 -21.36 -31.18
N TYR B 193 -11.82 -20.15 -31.01
CA TYR B 193 -13.11 -20.00 -30.38
C TYR B 193 -13.73 -18.66 -30.78
N ARG B 194 -15.04 -18.55 -30.56
CA ARG B 194 -15.79 -17.34 -30.86
C ARG B 194 -15.84 -16.48 -29.61
N GLY B 195 -15.38 -15.24 -29.74
CA GLY B 195 -15.35 -14.36 -28.58
C GLY B 195 -15.48 -12.91 -28.99
N SER B 196 -14.80 -12.06 -28.24
CA SER B 196 -15.05 -10.64 -28.27
C SER B 196 -13.74 -9.86 -28.27
N LEU B 197 -13.86 -8.56 -28.50
CA LEU B 197 -12.77 -7.65 -28.16
C LEU B 197 -12.55 -7.76 -26.66
N THR B 198 -11.30 -7.58 -26.20
CA THR B 198 -11.02 -7.65 -24.76
C THR B 198 -10.97 -6.27 -24.12
N THR B 199 -11.27 -5.23 -24.91
CA THR B 199 -11.41 -3.88 -24.39
C THR B 199 -12.75 -3.38 -24.82
N PRO B 200 -13.26 -2.30 -24.17
CA PRO B 200 -14.42 -1.61 -24.72
C PRO B 200 -14.18 -1.32 -26.21
N PRO B 201 -15.19 -1.43 -27.13
N PRO B 201 -15.25 -1.45 -27.04
CA PRO B 201 -16.60 -1.73 -26.83
CA PRO B 201 -16.63 -1.72 -26.60
C PRO B 201 -16.99 -3.21 -26.64
C PRO B 201 -16.99 -3.19 -26.40
N CYS B 202 -16.00 -4.10 -26.52
CA CYS B 202 -16.23 -5.52 -26.17
C CYS B 202 -17.14 -6.26 -27.15
N ASN B 203 -17.08 -5.86 -28.42
N ASN B 203 -17.23 -5.77 -28.39
CA ASN B 203 -18.00 -6.40 -29.41
CA ASN B 203 -18.09 -6.37 -29.39
C ASN B 203 -17.77 -7.87 -29.57
C ASN B 203 -17.80 -7.86 -29.46
N PRO B 204 -18.84 -8.70 -29.55
CA PRO B 204 -18.69 -10.16 -29.67
C PRO B 204 -18.51 -10.65 -31.12
N THR B 205 -17.49 -10.12 -31.79
CA THR B 205 -17.39 -10.22 -33.23
C THR B 205 -16.03 -10.80 -33.63
N VAL B 206 -15.33 -11.45 -32.68
CA VAL B 206 -13.98 -11.88 -32.96
C VAL B 206 -13.94 -13.41 -33.05
N LEU B 207 -13.34 -13.89 -34.12
CA LEU B 207 -12.85 -15.27 -34.19
C LEU B 207 -11.42 -15.30 -33.68
N TRP B 208 -11.22 -15.93 -32.50
CA TRP B 208 -9.91 -15.96 -31.86
C TRP B 208 -9.14 -17.19 -32.34
N THR B 209 -7.85 -16.98 -32.62
CA THR B 209 -6.92 -18.10 -32.79
C THR B 209 -5.78 -17.83 -31.81
N VAL B 210 -5.65 -18.72 -30.81
CA VAL B 210 -4.55 -18.59 -29.84
C VAL B 210 -3.56 -19.70 -30.17
N PHE B 211 -2.33 -19.35 -30.54
CA PHE B 211 -1.40 -20.41 -30.87
C PHE B 211 -1.08 -21.28 -29.65
N ARG B 212 -0.86 -22.57 -29.87
CA ARG B 212 -0.56 -23.45 -28.75
C ARG B 212 0.73 -23.10 -28.04
N ASN B 213 1.77 -22.78 -28.81
CA ASN B 213 3.10 -22.63 -28.23
C ASN B 213 3.39 -21.17 -27.99
N PRO B 214 4.03 -20.84 -26.88
CA PRO B 214 4.42 -19.45 -26.63
C PRO B 214 5.72 -19.11 -27.33
N VAL B 215 6.00 -17.80 -27.38
CA VAL B 215 7.33 -17.31 -27.72
C VAL B 215 7.99 -16.80 -26.44
N GLN B 216 9.29 -16.54 -26.51
CA GLN B 216 10.03 -15.94 -25.38
C GLN B 216 10.49 -14.53 -25.70
N ILE B 217 10.44 -13.67 -24.68
CA ILE B 217 11.19 -12.42 -24.73
C ILE B 217 11.90 -12.32 -23.36
N SER B 218 12.94 -11.49 -23.25
CA SER B 218 13.74 -11.54 -22.01
C SER B 218 13.09 -10.73 -20.89
N GLN B 219 13.62 -10.96 -19.70
CA GLN B 219 13.29 -10.13 -18.53
C GLN B 219 13.53 -8.65 -18.83
N GLU B 220 14.63 -8.35 -19.50
CA GLU B 220 14.94 -6.95 -19.77
C GLU B 220 13.94 -6.35 -20.75
N GLN B 221 13.50 -7.16 -21.76
CA GLN B 221 12.51 -6.69 -22.71
C GLN B 221 11.18 -6.43 -22.00
N LEU B 222 10.80 -7.38 -21.11
CA LEU B 222 9.56 -7.20 -20.36
C LEU B 222 9.65 -5.96 -19.48
N LEU B 223 10.79 -5.75 -18.80
CA LEU B 223 10.91 -4.62 -17.91
C LEU B 223 10.78 -3.32 -18.72
N ALA B 224 11.41 -3.26 -19.92
CA ALA B 224 11.30 -2.07 -20.75
C ALA B 224 9.86 -1.84 -21.15
N LEU B 225 9.19 -2.92 -21.58
CA LEU B 225 7.78 -2.81 -21.96
C LEU B 225 6.89 -2.30 -20.82
N GLU B 226 7.18 -2.79 -19.59
CA GLU B 226 6.38 -2.49 -18.40
C GLU B 226 6.71 -1.12 -17.79
N THR B 227 7.78 -0.47 -18.23
CA THR B 227 8.18 0.82 -17.66
C THR B 227 8.19 1.94 -18.69
N ALA B 228 8.04 1.66 -19.97
CA ALA B 228 8.26 2.70 -20.99
C ALA B 228 7.03 3.60 -21.21
N LEU B 229 5.83 3.12 -20.92
CA LEU B 229 4.63 3.72 -21.50
C LEU B 229 3.67 4.26 -20.46
N TYR B 230 2.94 5.29 -20.86
CA TYR B 230 1.92 5.96 -20.06
C TYR B 230 0.62 5.97 -20.84
N CYS B 231 -0.48 5.94 -20.09
CA CYS B 231 -1.81 6.08 -20.65
C CYS B 231 -2.17 7.54 -20.93
N THR B 232 -1.38 8.46 -20.38
CA THR B 232 -1.74 9.87 -20.32
C THR B 232 -0.82 10.69 -21.24
N HIS B 233 -1.32 11.89 -21.56
CA HIS B 233 -0.55 12.83 -22.34
C HIS B 233 0.73 13.26 -21.62
N MET B 234 1.69 13.75 -22.40
N MET B 234 1.72 13.68 -22.40
CA MET B 234 2.98 14.19 -21.90
CA MET B 234 2.98 14.14 -21.83
C MET B 234 2.88 15.35 -20.91
C MET B 234 2.76 15.22 -20.78
N ASP B 235 1.82 16.13 -21.01
CA ASP B 235 1.61 17.25 -20.08
C ASP B 235 0.55 16.96 -19.01
N ASP B 236 0.16 15.71 -18.79
CA ASP B 236 -0.94 15.48 -17.86
C ASP B 236 -0.41 15.55 -16.43
N PRO B 237 -1.02 16.36 -15.53
CA PRO B 237 -0.56 16.48 -14.15
C PRO B 237 -0.93 15.28 -13.27
N SER B 238 -1.64 14.29 -13.84
N SER B 238 -1.72 14.33 -13.82
CA SER B 238 -1.99 13.07 -13.09
CA SER B 238 -2.02 13.07 -13.14
C SER B 238 -1.60 11.83 -13.90
C SER B 238 -1.60 11.91 -14.04
N PRO B 239 -0.31 11.63 -14.14
CA PRO B 239 0.15 10.57 -15.02
C PRO B 239 -0.28 9.20 -14.57
N ARG B 240 -0.55 8.32 -15.54
CA ARG B 240 -0.91 6.93 -15.25
C ARG B 240 -0.03 6.03 -16.12
N GLU B 241 0.69 5.14 -15.48
CA GLU B 241 1.52 4.17 -16.20
C GLU B 241 0.66 3.18 -16.96
N MET B 242 1.11 2.81 -18.16
CA MET B 242 0.41 1.79 -18.95
C MET B 242 1.00 0.42 -18.52
N ILE B 243 0.31 -0.16 -17.49
CA ILE B 243 0.68 -1.41 -16.87
C ILE B 243 -0.59 -2.19 -16.63
N ASN B 244 -0.43 -3.50 -16.45
CA ASN B 244 -1.56 -4.36 -16.09
C ASN B 244 -2.73 -4.19 -17.03
N ASN B 245 -2.41 -4.06 -18.34
CA ASN B 245 -3.44 -3.77 -19.32
C ASN B 245 -3.96 -5.09 -19.91
N PHE B 246 -4.50 -5.92 -19.03
CA PHE B 246 -5.12 -7.18 -19.44
C PHE B 246 -6.43 -7.28 -18.72
N ARG B 247 -7.43 -7.87 -19.40
CA ARG B 247 -8.74 -8.11 -18.79
C ARG B 247 -8.70 -9.47 -18.10
N GLN B 248 -9.40 -9.61 -16.96
CA GLN B 248 -9.59 -10.93 -16.32
C GLN B 248 -10.30 -11.89 -17.28
N VAL B 249 -10.08 -13.17 -17.10
CA VAL B 249 -10.81 -14.15 -17.91
C VAL B 249 -12.29 -14.14 -17.56
N GLN B 250 -13.12 -14.56 -18.53
CA GLN B 250 -14.59 -14.45 -18.53
C GLN B 250 -15.20 -15.84 -18.36
N LYS B 251 -16.45 -15.83 -17.87
CA LYS B 251 -17.22 -17.07 -17.89
C LYS B 251 -17.32 -17.63 -19.31
N PHE B 252 -17.39 -18.96 -19.41
N PHE B 252 -17.30 -18.97 -19.43
CA PHE B 252 -17.38 -19.45 -20.76
CA PHE B 252 -17.51 -19.69 -20.69
C PHE B 252 -18.81 -19.60 -21.39
C PHE B 252 -18.83 -19.38 -21.43
N ASP B 253 -19.95 -19.24 -20.71
CA ASP B 253 -21.27 -19.08 -21.34
C ASP B 253 -21.60 -20.27 -22.28
N GLU B 254 -21.23 -21.52 -21.88
CA GLU B 254 -21.52 -22.77 -22.57
C GLU B 254 -20.63 -23.03 -23.83
N ARG B 255 -19.67 -22.14 -24.13
CA ARG B 255 -18.81 -22.29 -25.27
C ARG B 255 -17.87 -23.53 -25.10
N LEU B 256 -17.42 -24.13 -26.22
CA LEU B 256 -16.18 -24.90 -26.23
C LEU B 256 -15.08 -24.17 -27.02
N VAL B 257 -13.86 -24.55 -26.75
CA VAL B 257 -12.73 -24.09 -27.52
C VAL B 257 -12.31 -25.28 -28.35
N TYR B 258 -12.10 -25.05 -29.64
CA TYR B 258 -11.73 -26.11 -30.57
C TYR B 258 -10.22 -26.09 -30.82
N THR B 259 -9.60 -27.26 -30.83
CA THR B 259 -8.18 -27.34 -31.00
C THR B 259 -7.82 -28.02 -32.32
N SER B 260 -6.74 -27.53 -32.94
CA SER B 260 -6.27 -28.13 -34.20
C SER B 260 -5.32 -29.29 -33.93
N PHE B 261 -5.03 -29.56 -32.66
CA PHE B 261 -4.15 -30.61 -32.19
C PHE B 261 -4.97 -31.49 -31.28
N SER B 262 -4.71 -32.78 -31.35
CA SER B 262 -5.52 -33.73 -30.60
C SER B 262 -4.86 -34.09 -29.29
N GLN B 263 -3.55 -33.89 -29.19
CA GLN B 263 -2.76 -34.21 -28.03
C GLN B 263 -1.49 -33.35 -28.11
N TRP C 4 -7.31 18.78 17.86
CA TRP C 4 -5.93 18.29 17.46
C TRP C 4 -5.86 16.77 17.26
N THR C 5 -4.89 16.34 16.43
CA THR C 5 -4.69 14.92 16.13
C THR C 5 -3.19 14.67 15.99
N TYR C 6 -2.84 13.45 15.49
CA TYR C 6 -1.48 13.12 15.09
C TYR C 6 -1.32 12.97 13.58
N PHE C 7 -2.18 13.58 12.74
CA PHE C 7 -1.89 13.68 11.30
C PHE C 7 -2.41 15.00 10.69
N GLY C 8 -1.78 15.51 9.63
CA GLY C 8 -2.22 16.75 9.01
C GLY C 8 -3.67 16.61 8.58
N PRO C 9 -4.49 17.69 8.64
CA PRO C 9 -4.03 19.07 8.85
C PRO C 9 -4.04 19.55 10.30
N ASP C 10 -4.52 18.69 11.22
CA ASP C 10 -4.63 19.09 12.62
C ASP C 10 -3.55 18.43 13.48
N GLY C 11 -2.53 17.89 12.80
CA GLY C 11 -1.46 17.09 13.37
C GLY C 11 -0.41 17.97 14.04
N GLU C 12 0.71 17.33 14.39
CA GLU C 12 1.62 17.97 15.33
C GLU C 12 2.25 19.26 14.81
N ASN C 13 2.50 19.36 13.50
CA ASN C 13 3.11 20.59 13.04
C ASN C 13 2.15 21.79 13.11
N SER C 14 0.86 21.48 13.27
N SER C 14 0.84 21.57 13.25
CA SER C 14 -0.19 22.48 13.36
CA SER C 14 -0.08 22.69 13.40
C SER C 14 -0.51 22.90 14.80
C SER C 14 -0.56 22.88 14.83
N TRP C 15 -0.10 22.09 15.78
CA TRP C 15 -0.54 22.33 17.15
C TRP C 15 -0.26 23.75 17.62
N SER C 16 0.86 24.35 17.19
CA SER C 16 1.27 25.67 17.68
C SER C 16 0.29 26.77 17.29
N LYS C 17 -0.56 26.53 16.30
N LYS C 17 -0.59 26.51 16.31
CA LYS C 17 -1.58 27.52 15.98
CA LYS C 17 -1.54 27.57 15.96
C LYS C 17 -2.43 27.84 17.21
C LYS C 17 -2.57 27.84 17.05
N LYS C 18 -3.04 26.79 17.76
CA LYS C 18 -3.96 26.97 18.87
C LYS C 18 -3.26 26.85 20.22
N TYR C 19 -2.11 26.21 20.26
CA TYR C 19 -1.39 25.92 21.50
C TYR C 19 0.02 26.47 21.38
N PRO C 20 0.24 27.77 21.63
CA PRO C 20 1.48 28.40 21.29
C PRO C 20 2.70 27.73 21.94
N SER C 21 2.55 27.13 23.13
CA SER C 21 3.71 26.54 23.74
C SER C 21 4.28 25.37 22.91
N CYS C 22 3.47 24.81 21.99
CA CYS C 22 4.00 23.73 21.14
C CYS C 22 5.10 24.20 20.20
N GLY C 23 5.24 25.50 19.98
CA GLY C 23 6.32 26.08 19.20
C GLY C 23 7.33 26.80 20.07
N GLY C 24 7.26 26.60 21.41
CA GLY C 24 8.13 27.34 22.31
C GLY C 24 9.31 26.51 22.76
N LEU C 25 9.85 26.92 23.92
CA LEU C 25 11.04 26.29 24.48
C LEU C 25 10.71 24.96 25.19
N LEU C 26 11.79 24.21 25.43
CA LEU C 26 11.83 23.05 26.31
C LEU C 26 10.91 21.92 25.81
N GLN C 27 10.72 21.77 24.49
CA GLN C 27 9.81 20.75 24.00
C GLN C 27 10.35 19.34 24.08
N SER C 28 9.45 18.42 24.42
CA SER C 28 9.65 16.99 24.46
C SER C 28 8.84 16.30 23.38
N PRO C 29 9.15 15.04 23.00
CA PRO C 29 10.23 14.20 23.50
C PRO C 29 11.52 14.50 22.74
N ILE C 30 12.56 13.79 23.12
CA ILE C 30 13.91 14.01 22.59
C ILE C 30 14.58 12.67 22.41
N ASP C 31 15.67 12.70 21.62
CA ASP C 31 16.58 11.57 21.50
C ASP C 31 17.62 11.58 22.59
N LEU C 32 17.77 10.44 23.27
CA LEU C 32 18.72 10.27 24.37
C LEU C 32 19.95 9.58 23.79
N HIS C 33 21.08 10.29 23.65
CA HIS C 33 22.25 9.68 23.03
C HIS C 33 23.48 10.14 23.80
N SER C 34 24.62 9.47 23.60
CA SER C 34 25.71 9.51 24.57
C SER C 34 26.31 10.90 24.75
N ASP C 35 26.39 11.64 23.62
N ASP C 35 26.49 11.63 23.64
CA ASP C 35 27.06 12.93 23.49
CA ASP C 35 27.23 12.87 23.70
C ASP C 35 26.39 14.02 24.31
C ASP C 35 26.50 13.92 24.55
N ILE C 36 25.18 13.76 24.80
CA ILE C 36 24.48 14.76 25.59
C ILE C 36 24.20 14.27 27.01
N LEU C 37 24.71 13.11 27.41
CA LEU C 37 24.45 12.63 28.77
C LEU C 37 25.53 13.09 29.74
N GLN C 38 25.13 13.35 30.98
CA GLN C 38 26.06 13.73 32.04
C GLN C 38 25.60 13.10 33.34
N TYR C 39 26.45 12.30 34.01
CA TYR C 39 26.15 11.83 35.35
C TYR C 39 25.91 13.00 36.31
N ASP C 40 24.88 12.87 37.17
CA ASP C 40 24.54 13.90 38.16
C ASP C 40 24.30 13.19 39.49
N ALA C 41 25.18 13.45 40.47
CA ALA C 41 25.10 12.83 41.79
C ALA C 41 23.81 13.13 42.55
N SER C 42 23.10 14.22 42.20
CA SER C 42 21.87 14.56 42.88
C SER C 42 20.76 13.56 42.56
N LEU C 43 20.93 12.70 41.54
CA LEU C 43 19.83 11.89 41.02
C LEU C 43 19.73 10.58 41.76
N THR C 44 19.29 10.73 43.01
CA THR C 44 19.13 9.62 43.96
C THR C 44 17.84 8.88 43.60
N PRO C 45 17.63 7.68 44.17
CA PRO C 45 16.45 6.90 43.81
C PRO C 45 15.12 7.57 44.22
N LEU C 46 14.10 7.46 43.38
CA LEU C 46 12.75 7.86 43.70
C LEU C 46 12.07 6.73 44.46
N GLU C 47 11.10 7.13 45.29
CA GLU C 47 10.22 6.19 45.97
C GLU C 47 8.79 6.39 45.46
N PHE C 48 8.09 5.26 45.21
CA PHE C 48 6.77 5.30 44.61
C PHE C 48 5.81 4.91 45.73
N GLN C 49 5.08 5.90 46.26
CA GLN C 49 4.23 5.69 47.42
C GLN C 49 2.76 5.60 47.02
N GLY C 50 2.00 4.67 47.66
CA GLY C 50 0.59 4.62 47.38
C GLY C 50 0.29 3.99 46.03
N TYR C 51 1.30 3.39 45.37
CA TYR C 51 1.06 2.83 44.03
C TYR C 51 0.32 1.49 44.10
N ASN C 52 0.25 0.87 45.28
CA ASN C 52 -0.36 -0.47 45.35
C ASN C 52 -1.88 -0.32 45.49
N LEU C 53 -2.60 -0.08 44.38
CA LEU C 53 -4.02 0.18 44.40
C LEU C 53 -4.78 -1.12 44.64
N SER C 54 -5.62 -1.13 45.67
CA SER C 54 -6.40 -2.34 45.91
C SER C 54 -7.26 -2.72 44.70
N ALA C 55 -7.49 -4.03 44.57
CA ALA C 55 -8.32 -4.66 43.54
C ALA C 55 -9.81 -4.39 43.82
N ASN C 56 -10.13 -3.93 45.05
CA ASN C 56 -11.49 -3.66 45.48
C ASN C 56 -11.95 -2.32 44.92
N LYS C 57 -10.94 -1.51 44.59
CA LYS C 57 -11.18 -0.16 44.08
C LYS C 57 -11.20 -0.23 42.56
N GLN C 58 -11.69 0.85 41.92
CA GLN C 58 -11.61 0.86 40.47
C GLN C 58 -11.29 2.27 40.02
N PHE C 59 -10.75 2.29 38.81
CA PHE C 59 -10.16 3.49 38.22
C PHE C 59 -10.71 3.66 36.81
N LEU C 60 -11.05 4.91 36.44
CA LEU C 60 -11.73 5.18 35.19
C LEU C 60 -10.70 5.13 34.05
N LEU C 61 -10.98 4.31 33.04
CA LEU C 61 -10.25 4.24 31.76
C LEU C 61 -11.10 4.96 30.70
N THR C 62 -10.50 5.94 30.02
CA THR C 62 -11.17 6.72 28.98
C THR C 62 -10.40 6.68 27.67
N ASN C 63 -11.11 6.48 26.57
CA ASN C 63 -10.64 6.79 25.25
C ASN C 63 -11.09 8.21 24.94
N ASN C 64 -10.15 9.15 24.91
CA ASN C 64 -10.53 10.53 24.62
C ASN C 64 -10.20 10.88 23.18
N GLY C 65 -10.06 9.87 22.31
CA GLY C 65 -9.74 10.19 20.93
C GLY C 65 -8.25 10.39 20.68
N HIS C 66 -7.48 10.80 21.73
CA HIS C 66 -6.05 11.02 21.65
C HIS C 66 -5.22 9.86 22.21
N SER C 67 -5.64 9.23 23.32
N SER C 67 -5.72 9.32 23.34
CA SER C 67 -4.92 8.04 23.78
CA SER C 67 -5.04 8.24 24.02
C SER C 67 -5.97 7.27 24.56
C SER C 67 -5.99 7.51 24.96
N VAL C 68 -5.51 6.33 25.39
CA VAL C 68 -6.30 5.70 26.41
C VAL C 68 -5.64 6.05 27.73
N LYS C 69 -6.44 6.64 28.65
CA LYS C 69 -5.91 7.12 29.91
C LYS C 69 -6.62 6.42 31.04
N LEU C 70 -5.86 6.12 32.09
CA LEU C 70 -6.39 5.62 33.31
C LEU C 70 -6.18 6.70 34.36
N ASN C 71 -7.30 7.10 34.97
CA ASN C 71 -7.22 8.06 36.05
C ASN C 71 -6.59 7.38 37.27
N LEU C 72 -5.76 8.16 37.97
CA LEU C 72 -5.06 7.67 39.13
C LEU C 72 -5.38 8.56 40.35
N PRO C 73 -5.37 8.04 41.58
CA PRO C 73 -5.75 8.81 42.75
C PRO C 73 -4.59 9.66 43.24
N SER C 74 -4.97 10.83 43.78
CA SER C 74 -3.99 11.80 44.22
C SER C 74 -3.15 11.30 45.41
N ASP C 75 -3.61 10.24 46.09
CA ASP C 75 -2.82 9.73 47.18
C ASP C 75 -1.55 9.00 46.74
N MET C 76 -1.51 8.66 45.45
CA MET C 76 -0.33 8.00 44.83
C MET C 76 0.70 9.09 44.57
N HIS C 77 1.95 8.96 45.05
CA HIS C 77 2.87 10.06 44.82
C HIS C 77 4.31 9.58 44.69
N ILE C 78 5.12 10.44 44.08
CA ILE C 78 6.56 10.26 44.05
C ILE C 78 7.16 11.00 45.23
N GLN C 79 8.03 10.28 45.94
CA GLN C 79 8.85 10.83 46.99
C GLN C 79 10.31 10.84 46.50
N GLY C 80 11.02 11.92 46.80
CA GLY C 80 12.41 12.07 46.46
C GLY C 80 12.70 13.31 45.60
N LEU C 81 11.67 13.95 45.05
CA LEU C 81 11.87 15.22 44.35
C LEU C 81 11.76 16.38 45.33
N GLN C 82 11.95 17.62 44.85
CA GLN C 82 12.02 18.75 45.78
C GLN C 82 10.64 19.13 46.31
N SER C 83 9.56 18.68 45.67
CA SER C 83 8.16 18.81 46.06
C SER C 83 7.57 17.41 45.95
N ARG C 84 6.46 17.20 46.64
CA ARG C 84 5.64 16.01 46.39
C ARG C 84 4.93 16.16 45.06
N TYR C 85 5.05 15.09 44.21
CA TYR C 85 4.27 15.06 42.98
C TYR C 85 3.25 13.94 43.13
N SER C 86 1.98 14.25 43.00
CA SER C 86 0.90 13.29 43.17
C SER C 86 0.41 12.83 41.80
N ALA C 87 -0.04 11.59 41.71
CA ALA C 87 -0.51 11.05 40.43
C ALA C 87 -1.81 11.71 39.96
N THR C 88 -1.95 11.74 38.64
CA THR C 88 -3.21 12.15 38.01
C THR C 88 -3.74 11.12 37.02
N GLN C 89 -2.86 10.57 36.15
CA GLN C 89 -3.35 9.61 35.13
C GLN C 89 -2.09 8.94 34.57
N LEU C 90 -2.33 7.76 33.95
CA LEU C 90 -1.34 7.24 33.04
C LEU C 90 -1.94 6.99 31.68
N HIS C 91 -1.07 6.82 30.67
CA HIS C 91 -1.50 6.59 29.30
C HIS C 91 -0.31 6.01 28.54
N LEU C 92 -0.55 5.59 27.31
CA LEU C 92 0.47 5.03 26.44
C LEU C 92 0.48 5.70 25.09
N HIS C 93 1.65 5.50 24.43
CA HIS C 93 1.92 5.93 23.07
C HIS C 93 2.44 4.74 22.27
N TRP C 94 1.97 4.56 21.02
CA TRP C 94 2.38 3.45 20.21
C TRP C 94 2.40 3.80 18.74
N GLY C 95 2.86 2.82 17.96
CA GLY C 95 2.97 2.97 16.53
C GLY C 95 1.82 2.31 15.78
N ASN C 96 2.17 1.38 14.87
CA ASN C 96 1.10 0.72 14.12
C ASN C 96 1.65 -0.64 13.71
N PRO C 97 0.79 -1.60 13.28
CA PRO C 97 1.32 -2.93 13.02
C PRO C 97 2.35 -3.00 11.89
N ASN C 98 2.28 -2.06 10.94
CA ASN C 98 3.25 -2.04 9.83
C ASN C 98 4.58 -1.42 10.28
N ASP C 99 4.62 -0.66 11.38
CA ASP C 99 5.81 0.03 11.84
C ASP C 99 5.68 0.14 13.36
N PRO C 100 5.94 -0.99 14.07
CA PRO C 100 5.60 -1.12 15.50
C PRO C 100 6.67 -0.51 16.40
N HIS C 101 6.92 0.81 16.21
CA HIS C 101 8.03 1.49 16.88
C HIS C 101 7.55 2.89 17.22
N GLY C 102 6.70 3.01 18.25
CA GLY C 102 5.99 4.24 18.54
C GLY C 102 6.25 4.80 19.94
N SER C 103 7.44 4.53 20.50
CA SER C 103 7.81 5.31 21.67
C SER C 103 7.94 6.79 21.30
N GLU C 104 7.87 7.64 22.34
CA GLU C 104 8.12 9.05 22.12
C GLU C 104 9.62 9.37 22.22
N HIS C 105 10.22 9.09 23.37
CA HIS C 105 11.68 9.22 23.47
C HIS C 105 12.35 8.11 22.65
N THR C 106 13.53 8.47 22.11
CA THR C 106 14.30 7.48 21.39
C THR C 106 15.65 7.39 22.11
N VAL C 107 16.37 6.29 21.86
CA VAL C 107 17.67 6.07 22.49
C VAL C 107 18.64 5.78 21.34
N SER C 108 19.66 6.65 21.21
CA SER C 108 20.62 6.52 20.13
C SER C 108 19.90 6.42 18.79
N GLY C 109 18.84 7.22 18.63
CA GLY C 109 18.08 7.36 17.41
C GLY C 109 16.95 6.36 17.28
N GLN C 110 16.88 5.35 18.14
CA GLN C 110 15.96 4.24 17.94
C GLN C 110 14.70 4.37 18.78
N HIS C 111 13.57 4.18 18.13
CA HIS C 111 12.33 4.07 18.88
C HIS C 111 12.21 2.70 19.54
N PHE C 112 11.59 2.69 20.73
CA PHE C 112 11.09 1.45 21.27
C PHE C 112 9.68 1.21 20.73
N ALA C 113 9.12 0.03 21.02
CA ALA C 113 7.79 -0.30 20.52
C ALA C 113 6.69 0.63 20.98
N ALA C 114 6.76 1.06 22.27
CA ALA C 114 5.68 1.88 22.83
C ALA C 114 6.29 2.54 24.08
N GLU C 115 5.50 3.40 24.72
CA GLU C 115 6.01 4.12 25.89
C GLU C 115 4.80 4.36 26.81
N LEU C 116 5.03 4.10 28.10
CA LEU C 116 4.02 4.43 29.13
C LEU C 116 4.43 5.67 29.93
N HIS C 117 3.47 6.56 30.13
CA HIS C 117 3.69 7.78 30.92
C HIS C 117 2.79 7.72 32.13
N ILE C 118 3.37 7.97 33.28
CA ILE C 118 2.62 8.16 34.54
C ILE C 118 2.75 9.59 35.02
N VAL C 119 1.67 10.35 34.80
CA VAL C 119 1.70 11.81 34.95
C VAL C 119 1.35 12.14 36.41
N HIS C 120 2.18 13.04 36.99
CA HIS C 120 1.98 13.54 38.34
C HIS C 120 2.01 15.07 38.29
N TYR C 121 1.40 15.68 39.33
CA TYR C 121 1.41 17.13 39.44
C TYR C 121 1.99 17.54 40.79
N ASN C 122 2.44 18.80 40.87
CA ASN C 122 3.06 19.26 42.11
C ASN C 122 1.96 19.69 43.09
N SER C 123 1.61 18.77 43.98
CA SER C 123 0.50 19.01 44.89
C SER C 123 0.93 19.88 46.08
N ASP C 124 2.21 20.12 46.26
CA ASP C 124 2.61 21.08 47.28
C ASP C 124 2.33 22.50 46.80
N LEU C 125 2.44 22.75 45.51
CA LEU C 125 2.20 24.09 44.97
C LEU C 125 0.76 24.30 44.49
N TYR C 126 0.14 23.24 43.94
CA TYR C 126 -1.05 23.42 43.13
C TYR C 126 -2.13 22.45 43.58
N PRO C 127 -3.43 22.78 43.39
CA PRO C 127 -4.49 21.93 43.91
C PRO C 127 -4.88 20.72 43.04
N ASP C 128 -4.52 20.75 41.76
CA ASP C 128 -4.93 19.68 40.86
C ASP C 128 -4.04 19.79 39.63
N ALA C 129 -4.12 18.77 38.78
CA ALA C 129 -3.24 18.65 37.64
C ALA C 129 -3.51 19.70 36.55
N SER C 130 -4.80 19.97 36.29
N SER C 130 -4.80 19.97 36.31
CA SER C 130 -5.12 20.99 35.31
CA SER C 130 -5.17 20.99 35.35
C SER C 130 -4.50 22.32 35.73
C SER C 130 -4.55 22.33 35.72
N THR C 131 -4.67 22.72 37.01
CA THR C 131 -4.15 24.02 37.47
C THR C 131 -2.61 23.98 37.37
N ALA C 132 -2.01 22.84 37.77
CA ALA C 132 -0.55 22.77 37.74
C ALA C 132 0.04 22.82 36.34
N SER C 133 -0.73 22.36 35.33
CA SER C 133 -0.12 21.97 34.06
C SER C 133 0.54 23.14 33.33
N ASN C 134 0.11 24.37 33.58
CA ASN C 134 0.67 25.52 32.87
C ASN C 134 1.52 26.38 33.79
N LYS C 135 1.93 25.84 34.93
CA LYS C 135 2.58 26.65 35.95
C LYS C 135 3.96 26.09 36.28
N SER C 136 4.77 26.97 36.87
CA SER C 136 6.14 26.62 37.19
C SER C 136 6.22 25.35 38.05
N GLU C 137 7.10 24.44 37.65
CA GLU C 137 7.35 23.21 38.41
C GLU C 137 6.09 22.37 38.56
N GLY C 138 5.18 22.46 37.59
CA GLY C 138 3.86 21.89 37.76
C GLY C 138 3.78 20.39 37.68
N LEU C 139 4.61 19.77 36.82
CA LEU C 139 4.36 18.37 36.51
C LEU C 139 5.64 17.54 36.59
N ALA C 140 5.47 16.25 36.81
CA ALA C 140 6.55 15.29 36.73
C ALA C 140 5.98 14.04 36.07
N VAL C 141 6.68 13.51 35.04
CA VAL C 141 6.22 12.34 34.31
C VAL C 141 7.27 11.27 34.47
N LEU C 142 6.78 10.06 34.74
CA LEU C 142 7.66 8.91 34.68
C LEU C 142 7.41 8.22 33.34
N ALA C 143 8.48 7.91 32.62
CA ALA C 143 8.38 7.27 31.30
C ALA C 143 9.05 5.92 31.35
N VAL C 144 8.29 4.93 30.84
CA VAL C 144 8.80 3.57 30.74
C VAL C 144 8.83 3.15 29.26
N LEU C 145 10.03 2.81 28.74
CA LEU C 145 10.12 2.33 27.37
C LEU C 145 9.66 0.87 27.31
N ILE C 146 8.97 0.51 26.21
CA ILE C 146 8.36 -0.84 26.10
C ILE C 146 8.96 -1.46 24.85
N GLU C 147 9.48 -2.69 24.98
CA GLU C 147 9.90 -3.49 23.82
C GLU C 147 9.16 -4.81 23.76
N MET C 148 9.20 -5.48 22.62
CA MET C 148 8.53 -6.75 22.47
C MET C 148 9.38 -7.80 23.21
N GLY C 149 8.73 -8.73 23.91
CA GLY C 149 9.42 -9.86 24.52
C GLY C 149 8.37 -10.78 25.15
N SER C 150 8.57 -11.10 26.43
CA SER C 150 7.69 -11.94 27.23
C SER C 150 6.35 -11.26 27.50
N PHE C 151 5.31 -12.11 27.65
CA PHE C 151 3.98 -11.66 28.01
C PHE C 151 4.12 -10.98 29.37
N ASN C 152 3.39 -9.88 29.54
CA ASN C 152 3.47 -9.12 30.76
C ASN C 152 2.11 -9.05 31.45
N PRO C 153 1.87 -9.84 32.52
CA PRO C 153 0.55 -9.91 33.15
C PRO C 153 0.12 -8.57 33.74
N SER C 154 1.08 -7.74 34.16
CA SER C 154 0.78 -6.44 34.77
C SER C 154 0.22 -5.50 33.73
N TYR C 155 0.91 -5.37 32.55
CA TYR C 155 0.35 -4.57 31.48
C TYR C 155 -1.01 -5.09 31.04
N ASP C 156 -1.27 -6.41 31.11
CA ASP C 156 -2.53 -6.96 30.63
C ASP C 156 -3.69 -6.54 31.54
N LYS C 157 -3.39 -6.06 32.77
CA LYS C 157 -4.43 -5.52 33.63
C LYS C 157 -5.07 -4.24 33.03
N ILE C 158 -4.33 -3.53 32.17
CA ILE C 158 -4.93 -2.46 31.38
C ILE C 158 -5.48 -3.06 30.08
N PHE C 159 -4.61 -3.74 29.31
CA PHE C 159 -4.95 -4.13 27.94
C PHE C 159 -6.23 -4.96 27.83
N SER C 160 -6.50 -5.74 28.89
CA SER C 160 -7.64 -6.63 28.92
C SER C 160 -8.96 -5.87 28.95
N HIS C 161 -8.93 -4.55 29.09
CA HIS C 161 -10.13 -3.75 29.15
C HIS C 161 -10.36 -2.90 27.90
N LEU C 162 -9.42 -2.95 26.94
CA LEU C 162 -9.47 -2.01 25.84
C LEU C 162 -10.71 -2.17 24.98
N GLN C 163 -11.29 -3.38 24.84
CA GLN C 163 -12.41 -3.49 23.91
C GLN C 163 -13.67 -2.77 24.44
N HIS C 164 -13.66 -2.32 25.72
CA HIS C 164 -14.75 -1.56 26.34
C HIS C 164 -14.64 -0.05 26.08
N VAL C 165 -13.52 0.39 25.52
CA VAL C 165 -13.38 1.80 25.19
C VAL C 165 -12.90 1.99 23.76
N LYS C 166 -13.49 1.27 22.80
CA LYS C 166 -12.91 1.29 21.49
C LYS C 166 -13.10 2.64 20.83
N TYR C 167 -14.14 3.37 21.23
CA TYR C 167 -14.48 4.58 20.50
C TYR C 167 -14.22 5.81 21.35
N LYS C 168 -14.01 6.93 20.66
CA LYS C 168 -13.77 8.20 21.33
C LYS C 168 -14.95 8.49 22.25
N GLY C 169 -14.59 8.91 23.47
CA GLY C 169 -15.55 9.30 24.48
C GLY C 169 -15.97 8.16 25.39
N GLN C 170 -15.69 6.91 25.01
CA GLN C 170 -16.10 5.78 25.83
C GLN C 170 -15.25 5.63 27.09
N GLU C 171 -15.87 5.14 28.14
CA GLU C 171 -15.24 4.99 29.45
C GLU C 171 -15.56 3.62 30.03
N ALA C 172 -14.66 3.11 30.87
CA ALA C 172 -14.86 1.85 31.58
C ALA C 172 -14.02 1.84 32.84
N PHE C 173 -14.34 0.95 33.76
CA PHE C 173 -13.52 0.88 34.96
C PHE C 173 -12.53 -0.28 34.85
N VAL C 174 -11.35 -0.07 35.42
CA VAL C 174 -10.33 -1.11 35.55
C VAL C 174 -10.20 -1.32 37.07
N PRO C 175 -10.23 -2.57 37.63
CA PRO C 175 -9.93 -2.76 39.05
C PRO C 175 -8.51 -2.27 39.37
N GLY C 176 -8.29 -1.82 40.61
CA GLY C 176 -6.97 -1.42 41.08
C GLY C 176 -5.97 -2.57 40.97
N PHE C 177 -4.70 -2.20 40.76
CA PHE C 177 -3.56 -3.15 40.85
C PHE C 177 -2.35 -2.32 41.25
N ASN C 178 -1.23 -2.99 41.52
CA ASN C 178 -0.03 -2.27 41.94
C ASN C 178 0.66 -1.68 40.70
N ILE C 179 0.55 -0.35 40.60
CA ILE C 179 1.03 0.38 39.46
C ILE C 179 2.55 0.20 39.34
N GLU C 180 3.22 -0.06 40.46
CA GLU C 180 4.65 -0.24 40.48
C GLU C 180 5.06 -1.43 39.58
N GLU C 181 4.10 -2.35 39.36
CA GLU C 181 4.41 -3.49 38.49
C GLU C 181 4.66 -3.07 37.03
N LEU C 182 4.24 -1.88 36.66
CA LEU C 182 4.45 -1.31 35.31
C LEU C 182 5.86 -0.81 35.12
N LEU C 183 6.59 -0.63 36.22
CA LEU C 183 7.91 -0.04 36.15
C LEU C 183 8.95 -1.11 35.86
N PRO C 184 10.08 -0.73 35.23
CA PRO C 184 11.09 -1.70 34.84
C PRO C 184 12.00 -2.03 36.00
N GLU C 185 12.96 -2.90 35.71
CA GLU C 185 14.04 -3.22 36.62
C GLU C 185 14.96 -2.03 36.87
N ARG C 186 15.57 -2.03 38.06
N ARG C 186 15.45 -1.96 38.12
CA ARG C 186 16.50 -0.99 38.45
CA ARG C 186 16.43 -0.98 38.55
C ARG C 186 15.93 0.38 38.15
C ARG C 186 15.99 0.43 38.26
N THR C 187 14.86 0.79 38.87
CA THR C 187 14.34 2.12 38.72
C THR C 187 15.32 3.20 39.21
N ALA C 188 16.37 2.82 40.00
CA ALA C 188 17.39 3.81 40.37
C ALA C 188 18.19 4.34 39.17
N GLU C 189 18.13 3.61 38.02
CA GLU C 189 18.85 4.04 36.83
C GLU C 189 17.89 4.80 35.89
N TYR C 190 18.12 6.10 35.68
CA TYR C 190 17.21 6.87 34.87
C TYR C 190 17.92 8.05 34.24
N TYR C 191 17.26 8.61 33.22
CA TYR C 191 17.56 9.87 32.57
C TYR C 191 16.63 10.93 33.15
N ARG C 192 17.16 12.16 33.30
CA ARG C 192 16.39 13.25 33.85
C ARG C 192 16.61 14.52 33.01
N TYR C 193 15.54 15.22 32.65
CA TYR C 193 15.69 16.53 32.03
C TYR C 193 14.38 17.29 32.22
N ARG C 194 14.49 18.61 32.06
N ARG C 194 14.47 18.61 32.01
CA ARG C 194 13.33 19.49 32.03
CA ARG C 194 13.33 19.52 32.04
C ARG C 194 12.80 19.53 30.61
C ARG C 194 12.76 19.71 30.63
N GLY C 195 11.50 19.32 30.48
CA GLY C 195 10.88 19.42 29.17
C GLY C 195 9.42 19.77 29.28
N SER C 196 8.61 19.19 28.36
CA SER C 196 7.25 19.65 28.17
C SER C 196 6.28 18.46 28.14
N LEU C 197 4.99 18.80 28.17
CA LEU C 197 3.98 17.86 27.69
C LEU C 197 4.29 17.54 26.22
N THR C 198 3.97 16.30 25.83
CA THR C 198 4.19 15.90 24.43
C THR C 198 2.89 15.98 23.61
N THR C 199 1.83 16.46 24.23
CA THR C 199 0.60 16.77 23.55
C THR C 199 0.26 18.22 23.83
N PRO C 200 -0.66 18.83 23.05
CA PRO C 200 -1.19 20.13 23.45
C PRO C 200 -1.66 20.08 24.91
N PRO C 201 -1.46 21.16 25.67
CA PRO C 201 -0.90 22.44 25.22
C PRO C 201 0.61 22.55 25.22
N CYS C 202 1.31 21.42 25.41
CA CYS C 202 2.76 21.38 25.25
C CYS C 202 3.49 22.24 26.29
N ASN C 203 2.89 22.45 27.47
CA ASN C 203 3.49 23.36 28.43
C ASN C 203 4.87 22.87 28.85
N PRO C 204 5.84 23.80 29.00
CA PRO C 204 7.23 23.42 29.33
C PRO C 204 7.41 23.31 30.84
N THR C 205 6.56 22.47 31.45
CA THR C 205 6.41 22.42 32.89
C THR C 205 6.66 21.01 33.44
N VAL C 206 7.29 20.14 32.64
CA VAL C 206 7.46 18.74 33.01
C VAL C 206 8.88 18.40 33.40
N LEU C 207 9.07 17.85 34.62
CA LEU C 207 10.32 17.20 34.99
C LEU C 207 10.23 15.74 34.53
N TRP C 208 11.02 15.37 33.51
CA TRP C 208 10.98 14.02 32.93
C TRP C 208 11.91 13.12 33.67
N THR C 209 11.45 11.89 33.90
CA THR C 209 12.28 10.81 34.39
C THR C 209 12.02 9.66 33.43
N VAL C 210 13.03 9.28 32.62
CA VAL C 210 12.87 8.20 31.68
C VAL C 210 13.72 7.07 32.23
N PHE C 211 13.11 5.94 32.56
CA PHE C 211 13.92 4.90 33.15
C PHE C 211 14.87 4.33 32.10
N ARG C 212 16.05 3.92 32.57
N ARG C 212 16.09 3.97 32.54
CA ARG C 212 17.07 3.44 31.64
CA ARG C 212 17.10 3.42 31.64
C ARG C 212 16.74 2.08 31.03
C ARG C 212 16.58 2.14 30.96
N ASN C 213 16.01 1.22 31.74
CA ASN C 213 15.70 -0.10 31.25
C ASN C 213 14.26 -0.20 30.81
N PRO C 214 14.04 -0.89 29.68
CA PRO C 214 12.67 -1.07 29.16
C PRO C 214 12.00 -2.24 29.85
N VAL C 215 10.66 -2.28 29.76
CA VAL C 215 9.89 -3.47 30.08
C VAL C 215 9.61 -4.20 28.76
N GLN C 216 9.16 -5.44 28.90
CA GLN C 216 8.71 -6.20 27.75
C GLN C 216 7.24 -6.58 27.83
N ILE C 217 6.57 -6.51 26.68
CA ILE C 217 5.23 -7.05 26.49
C ILE C 217 5.29 -8.01 25.29
N SER C 218 4.37 -8.97 25.19
CA SER C 218 4.46 -9.92 24.09
C SER C 218 4.10 -9.23 22.78
N GLN C 219 4.46 -9.89 21.65
CA GLN C 219 3.99 -9.48 20.34
C GLN C 219 2.46 -9.38 20.32
N GLU C 220 1.77 -10.39 20.89
CA GLU C 220 0.31 -10.39 20.93
C GLU C 220 -0.21 -9.20 21.75
N GLN C 221 0.41 -8.82 22.89
CA GLN C 221 -0.05 -7.66 23.65
C GLN C 221 0.14 -6.35 22.89
N LEU C 222 1.25 -6.24 22.18
CA LEU C 222 1.50 -5.05 21.39
C LEU C 222 0.56 -4.87 20.22
N LEU C 223 0.29 -6.00 19.52
CA LEU C 223 -0.68 -5.97 18.43
C LEU C 223 -2.08 -5.60 18.90
N ALA C 224 -2.46 -6.18 20.06
CA ALA C 224 -3.73 -5.86 20.70
C ALA C 224 -3.85 -4.35 20.96
N LEU C 225 -2.80 -3.76 21.53
CA LEU C 225 -2.81 -2.32 21.82
C LEU C 225 -2.91 -1.47 20.55
N GLU C 226 -2.18 -1.87 19.49
CA GLU C 226 -2.15 -1.13 18.23
C GLU C 226 -3.45 -1.23 17.41
N THR C 227 -4.30 -2.24 17.72
CA THR C 227 -5.45 -2.52 16.88
C THR C 227 -6.77 -2.40 17.63
N ALA C 228 -6.76 -2.07 18.91
CA ALA C 228 -7.99 -2.09 19.69
C ALA C 228 -8.86 -0.84 19.52
N LEU C 229 -8.24 0.33 19.32
CA LEU C 229 -8.94 1.60 19.53
C LEU C 229 -9.11 2.39 18.24
N TYR C 230 -10.26 3.04 18.11
CA TYR C 230 -10.46 4.08 17.14
C TYR C 230 -10.26 5.42 17.85
N CYS C 231 -10.03 6.42 17.00
N CYS C 231 -10.00 6.47 17.08
CA CYS C 231 -9.89 7.78 17.47
CA CYS C 231 -9.99 7.79 17.68
C CYS C 231 -11.15 8.61 17.17
C CYS C 231 -11.37 8.42 17.62
N THR C 232 -12.17 7.95 16.66
CA THR C 232 -13.46 8.54 16.25
C THR C 232 -14.59 8.03 17.17
N HIS C 233 -15.71 8.80 17.21
CA HIS C 233 -16.93 8.39 17.91
C HIS C 233 -17.54 7.16 17.25
N MET C 234 -18.39 6.47 18.03
CA MET C 234 -19.21 5.37 17.58
C MET C 234 -20.27 5.86 16.57
N ASP C 236 -19.41 7.34 13.99
CA ASP C 236 -18.78 8.05 12.84
C ASP C 236 -18.82 7.12 11.63
N PRO C 237 -19.36 7.56 10.48
CA PRO C 237 -19.36 6.75 9.26
C PRO C 237 -17.96 6.58 8.65
N SER C 238 -16.98 7.33 9.17
CA SER C 238 -15.62 7.28 8.64
C SER C 238 -14.65 7.01 9.79
N PRO C 239 -14.62 5.78 10.36
CA PRO C 239 -13.76 5.48 11.51
C PRO C 239 -12.27 5.59 11.20
N ARG C 240 -11.53 5.93 12.23
CA ARG C 240 -10.08 6.06 12.08
C ARG C 240 -9.46 5.33 13.27
N GLU C 241 -8.42 4.54 12.99
CA GLU C 241 -7.73 3.80 14.05
C GLU C 241 -6.88 4.75 14.88
N MET C 242 -6.79 4.47 16.20
CA MET C 242 -5.86 5.16 17.11
C MET C 242 -4.51 4.45 17.03
N ILE C 243 -3.63 5.03 16.23
CA ILE C 243 -2.30 4.49 15.95
C ILE C 243 -1.35 5.69 15.87
N ASN C 244 -0.03 5.40 15.96
CA ASN C 244 0.97 6.44 15.72
C ASN C 244 0.71 7.67 16.58
N ASN C 245 0.30 7.42 17.83
CA ASN C 245 -0.06 8.53 18.72
C ASN C 245 1.13 8.93 19.58
N PHE C 246 2.20 9.33 18.89
CA PHE C 246 3.44 9.77 19.52
C PHE C 246 3.85 11.04 18.80
N ARG C 247 4.55 11.93 19.52
CA ARG C 247 5.11 13.12 18.87
C ARG C 247 6.51 12.80 18.34
N GLN C 248 6.86 13.38 17.18
CA GLN C 248 8.24 13.28 16.71
C GLN C 248 9.20 13.93 17.72
N VAL C 249 10.46 13.46 17.73
CA VAL C 249 11.48 14.05 18.59
C VAL C 249 11.74 15.49 18.20
N GLN C 250 12.08 16.28 19.20
CA GLN C 250 12.31 17.70 19.09
C GLN C 250 13.81 17.99 19.05
N LYS C 251 14.19 19.10 18.43
CA LYS C 251 15.58 19.55 18.56
C LYS C 251 15.86 19.83 20.04
N PHE C 252 17.11 19.56 20.42
CA PHE C 252 17.54 19.71 21.82
C PHE C 252 19.01 20.10 21.71
N ASP C 253 19.25 21.42 21.63
CA ASP C 253 20.55 22.01 21.29
C ASP C 253 21.20 22.65 22.51
N GLU C 254 22.50 22.37 22.67
CA GLU C 254 23.30 22.98 23.69
C GLU C 254 22.65 22.68 25.05
N ARG C 255 22.09 21.46 25.18
CA ARG C 255 21.53 21.02 26.47
C ARG C 255 21.97 19.59 26.79
N LEU C 256 21.93 19.26 28.08
CA LEU C 256 22.28 17.95 28.57
C LEU C 256 21.05 17.22 29.12
N VAL C 257 21.17 15.91 29.11
CA VAL C 257 20.29 15.01 29.86
C VAL C 257 21.16 14.40 30.94
N TYR C 258 20.68 14.54 32.16
CA TYR C 258 21.39 14.06 33.34
C TYR C 258 21.05 12.62 33.64
N THR C 259 22.05 11.85 34.04
CA THR C 259 21.81 10.45 34.31
C THR C 259 22.21 10.09 35.74
N SER C 260 21.42 9.17 36.32
CA SER C 260 21.70 8.73 37.69
C SER C 260 22.79 7.67 37.68
N PHE C 261 23.20 7.26 36.49
CA PHE C 261 24.20 6.22 36.32
C PHE C 261 25.32 6.76 35.46
N SER C 262 26.52 6.14 35.38
N SER C 262 26.47 6.17 35.78
CA SER C 262 27.52 6.59 34.42
CA SER C 262 27.62 6.05 34.92
C SER C 262 27.73 5.51 33.35
C SER C 262 27.71 4.61 34.39
N TRP D 4 10.70 32.98 8.70
CA TRP D 4 10.88 31.64 9.26
C TRP D 4 12.34 31.34 9.52
N THR D 5 12.57 30.47 10.51
CA THR D 5 13.92 30.09 10.89
C THR D 5 13.93 28.59 11.22
N TYR D 6 15.08 28.13 11.68
CA TYR D 6 15.23 26.78 12.22
C TYR D 6 15.35 26.76 13.75
N PHE D 7 15.16 27.88 14.42
CA PHE D 7 15.40 27.92 15.87
C PHE D 7 14.63 29.06 16.49
N GLY D 8 13.91 28.76 17.56
CA GLY D 8 13.23 29.83 18.27
C GLY D 8 11.77 29.93 17.84
N PRO D 9 11.14 31.08 18.14
CA PRO D 9 9.69 31.21 17.96
C PRO D 9 9.21 31.07 16.53
N ASP D 10 10.11 31.30 15.55
CA ASP D 10 9.77 31.16 14.12
C ASP D 10 10.27 29.85 13.53
N GLY D 11 10.69 28.93 14.38
CA GLY D 11 11.23 27.64 13.99
C GLY D 11 10.13 26.68 13.49
N GLU D 12 10.58 25.44 13.26
CA GLU D 12 9.80 24.54 12.41
C GLU D 12 8.46 24.16 12.96
N ASN D 13 8.24 24.18 14.30
CA ASN D 13 6.93 23.85 14.83
C ASN D 13 5.93 24.98 14.57
N SER D 14 6.43 26.13 14.14
CA SER D 14 5.59 27.31 13.86
C SER D 14 5.42 27.59 12.37
N TRP D 15 6.13 26.87 11.52
CA TRP D 15 6.02 27.17 10.08
C TRP D 15 4.58 27.10 9.61
N SER D 16 3.81 26.12 10.08
N SER D 16 3.80 26.14 10.13
CA SER D 16 2.44 25.96 9.61
CA SER D 16 2.45 25.89 9.67
C SER D 16 1.60 27.22 9.83
C SER D 16 1.51 27.06 10.00
N LYS D 17 1.94 28.04 10.82
CA LYS D 17 1.11 29.21 11.10
C LYS D 17 1.02 30.13 9.88
N LYS D 18 2.06 30.15 9.08
CA LYS D 18 2.10 31.02 7.89
C LYS D 18 2.06 30.20 6.60
N TYR D 19 2.44 28.92 6.64
CA TYR D 19 2.65 28.11 5.44
C TYR D 19 1.86 26.84 5.64
N PRO D 20 0.58 26.83 5.24
CA PRO D 20 -0.29 25.74 5.64
C PRO D 20 0.18 24.34 5.22
N SER D 21 0.89 24.20 4.09
CA SER D 21 1.32 22.85 3.69
C SER D 21 2.34 22.28 4.67
N CYS D 22 3.02 23.11 5.46
CA CYS D 22 3.97 22.59 6.45
C CYS D 22 3.25 21.80 7.53
N GLY D 23 1.92 21.99 7.65
CA GLY D 23 1.12 21.14 8.52
C GLY D 23 0.20 20.16 7.78
N GLY D 24 0.47 19.96 6.49
CA GLY D 24 -0.34 19.02 5.68
C GLY D 24 0.33 17.66 5.64
N LEU D 25 -0.16 16.88 4.67
CA LEU D 25 0.31 15.51 4.51
C LEU D 25 1.59 15.45 3.65
N LEU D 26 2.24 14.30 3.81
N LEU D 26 2.17 14.26 3.49
CA LEU D 26 3.29 13.80 2.94
CA LEU D 26 3.30 14.00 2.58
C LEU D 26 4.48 14.75 2.99
C LEU D 26 4.56 14.79 2.93
N GLN D 27 4.85 15.07 4.21
CA GLN D 27 5.98 15.95 4.48
C GLN D 27 7.31 15.18 4.51
N SER D 28 8.38 15.93 4.22
CA SER D 28 9.77 15.48 4.25
C SER D 28 10.54 16.31 5.26
N PRO D 29 11.68 15.83 5.76
CA PRO D 29 12.32 14.53 5.47
C PRO D 29 11.69 13.43 6.32
N ILE D 30 12.22 12.21 6.12
CA ILE D 30 11.75 11.05 6.86
C ILE D 30 12.95 10.21 7.26
N ASP D 31 12.70 9.31 8.22
CA ASP D 31 13.69 8.31 8.61
C ASP D 31 13.56 7.07 7.74
N LEU D 32 14.67 6.62 7.21
CA LEU D 32 14.66 5.46 6.31
C LEU D 32 14.99 4.25 7.18
N HIS D 33 14.03 3.34 7.45
CA HIS D 33 14.31 2.20 8.30
C HIS D 33 13.54 1.01 7.72
N SER D 34 14.00 -0.19 8.10
CA SER D 34 13.59 -1.42 7.41
C SER D 34 12.06 -1.59 7.30
N ASP D 35 11.31 -1.30 8.34
CA ASP D 35 9.91 -1.69 8.32
C ASP D 35 9.11 -0.97 7.23
N ILE D 36 9.62 0.20 6.76
CA ILE D 36 8.86 0.95 5.80
C ILE D 36 9.49 0.91 4.41
N LEU D 37 10.50 0.06 4.19
CA LEU D 37 11.15 -0.08 2.89
C LEU D 37 10.50 -1.21 2.10
N GLN D 38 10.37 -1.00 0.79
CA GLN D 38 9.89 -2.09 -0.06
C GLN D 38 10.59 -2.00 -1.41
N TYR D 39 11.15 -3.14 -1.83
CA TYR D 39 11.77 -3.21 -3.16
C TYR D 39 10.74 -2.99 -4.26
N ASP D 40 11.13 -2.22 -5.29
CA ASP D 40 10.28 -1.98 -6.43
C ASP D 40 11.15 -2.12 -7.67
N ALA D 41 10.84 -3.15 -8.48
CA ALA D 41 11.59 -3.44 -9.68
C ALA D 41 11.39 -2.35 -10.77
N SER D 42 10.40 -1.46 -10.60
N SER D 42 10.39 -1.45 -10.62
CA SER D 42 10.20 -0.40 -11.57
CA SER D 42 10.19 -0.32 -11.53
C SER D 42 11.16 0.77 -11.37
C SER D 42 11.38 0.64 -11.50
N LEU D 43 12.04 0.69 -10.34
CA LEU D 43 12.98 1.76 -10.04
C LEU D 43 14.27 1.52 -10.79
N THR D 44 14.24 1.91 -12.07
CA THR D 44 15.34 1.73 -13.00
C THR D 44 16.35 2.86 -12.82
N PRO D 45 17.58 2.76 -13.38
CA PRO D 45 18.60 3.78 -13.10
C PRO D 45 18.25 5.12 -13.70
N LEU D 46 18.48 6.18 -12.94
CA LEU D 46 18.37 7.52 -13.50
C LEU D 46 19.56 7.79 -14.39
N GLU D 47 19.34 8.70 -15.32
CA GLU D 47 20.40 9.23 -16.15
C GLU D 47 20.55 10.71 -15.81
N PHE D 48 21.80 11.12 -15.62
CA PHE D 48 22.14 12.50 -15.30
C PHE D 48 22.69 13.14 -16.58
N GLN D 49 21.93 14.04 -17.19
CA GLN D 49 22.25 14.59 -18.51
C GLN D 49 22.65 16.05 -18.39
N GLY D 50 23.76 16.42 -19.03
CA GLY D 50 24.14 17.83 -18.98
C GLY D 50 24.71 18.23 -17.62
N TYR D 51 25.13 17.25 -16.79
CA TYR D 51 25.70 17.61 -15.48
C TYR D 51 27.15 18.08 -15.57
N ASN D 52 27.82 17.84 -16.72
CA ASN D 52 29.21 18.21 -16.82
C ASN D 52 29.29 19.68 -17.28
N LEU D 53 29.23 20.60 -16.32
CA LEU D 53 29.18 22.01 -16.67
C LEU D 53 30.56 22.49 -17.08
N SER D 54 30.59 23.34 -18.11
CA SER D 54 31.89 23.80 -18.60
C SER D 54 32.61 24.65 -17.56
N ALA D 55 33.92 24.42 -17.42
CA ALA D 55 34.77 25.20 -16.52
C ALA D 55 34.97 26.63 -17.00
N ASN D 56 34.60 26.89 -18.26
CA ASN D 56 34.68 28.26 -18.76
C ASN D 56 33.40 29.03 -18.58
N LYS D 57 32.35 28.38 -18.07
CA LYS D 57 31.12 29.06 -17.75
C LYS D 57 31.08 29.26 -16.23
N GLN D 58 30.17 30.11 -15.77
CA GLN D 58 30.09 30.31 -14.33
C GLN D 58 28.64 30.32 -13.91
N PHE D 59 28.45 29.98 -12.62
CA PHE D 59 27.15 29.69 -12.06
C PHE D 59 27.02 30.46 -10.74
N LEU D 60 25.87 31.05 -10.51
CA LEU D 60 25.69 31.97 -9.38
C LEU D 60 25.42 31.23 -8.09
N LEU D 61 26.24 31.52 -7.08
CA LEU D 61 26.08 31.08 -5.70
C LEU D 61 25.48 32.25 -4.92
N THR D 62 24.36 32.00 -4.22
CA THR D 62 23.66 33.13 -3.54
C THR D 62 23.18 32.76 -2.13
N ASN D 63 23.53 33.57 -1.13
CA ASN D 63 23.03 33.40 0.22
C ASN D 63 21.68 34.12 0.29
N ASN D 64 20.55 33.38 0.39
CA ASN D 64 19.27 34.11 0.43
C ASN D 64 18.74 34.32 1.84
N GLY D 65 19.59 34.07 2.86
CA GLY D 65 19.18 34.20 4.25
C GLY D 65 18.68 32.90 4.85
N HIS D 66 18.14 32.03 4.01
CA HIS D 66 17.68 30.76 4.55
C HIS D 66 18.62 29.63 4.12
N SER D 67 19.32 29.87 2.99
CA SER D 67 20.12 28.85 2.35
C SER D 67 21.22 29.53 1.53
N VAL D 68 22.25 28.75 1.22
CA VAL D 68 23.18 29.11 0.13
C VAL D 68 22.98 28.11 -1.00
N LYS D 69 22.61 28.64 -2.15
CA LYS D 69 22.26 27.80 -3.26
C LYS D 69 23.15 28.15 -4.44
N LEU D 70 23.43 27.13 -5.25
CA LEU D 70 24.09 27.30 -6.53
C LEU D 70 23.07 27.13 -7.63
N ASN D 71 22.90 28.18 -8.46
CA ASN D 71 21.98 28.06 -9.60
C ASN D 71 22.54 27.11 -10.64
N LEU D 72 21.67 26.32 -11.23
CA LEU D 72 22.03 25.34 -12.25
C LEU D 72 21.24 25.64 -13.51
N PRO D 73 21.79 25.27 -14.68
CA PRO D 73 21.11 25.55 -15.94
C PRO D 73 20.03 24.53 -16.25
N SER D 74 18.97 25.01 -16.93
CA SER D 74 17.87 24.10 -17.23
C SER D 74 18.25 23.04 -18.26
N ASP D 75 19.39 23.19 -18.97
CA ASP D 75 19.85 22.14 -19.86
C ASP D 75 20.24 20.89 -19.10
N MET D 76 20.60 21.02 -17.83
CA MET D 76 20.92 19.88 -17.01
C MET D 76 19.60 19.18 -16.62
N HIS D 77 19.52 17.84 -16.80
CA HIS D 77 18.26 17.20 -16.51
C HIS D 77 18.44 15.78 -16.05
N ILE D 78 17.37 15.29 -15.44
N ILE D 78 17.37 15.29 -15.44
CA ILE D 78 17.31 13.85 -15.09
CA ILE D 78 17.33 13.85 -15.12
C ILE D 78 16.36 13.17 -16.07
C ILE D 78 16.35 13.17 -16.07
N GLN D 79 16.78 12.03 -16.56
CA GLN D 79 15.93 11.16 -17.35
C GLN D 79 15.67 9.88 -16.57
N GLY D 80 14.46 9.32 -16.75
CA GLY D 80 14.10 8.06 -16.19
C GLY D 80 12.82 8.18 -15.39
N LEU D 81 12.41 9.42 -14.99
CA LEU D 81 11.14 9.55 -14.28
C LEU D 81 9.98 9.59 -15.27
N GLN D 82 8.79 9.94 -14.78
CA GLN D 82 7.63 9.92 -15.66
C GLN D 82 7.61 11.12 -16.60
N SER D 83 8.45 12.13 -16.33
CA SER D 83 8.57 13.37 -17.10
C SER D 83 10.05 13.73 -17.05
N ARG D 84 10.50 14.58 -17.99
N ARG D 84 10.50 14.58 -17.98
CA ARG D 84 11.79 15.26 -17.87
CA ARG D 84 11.84 15.11 -17.82
C ARG D 84 11.74 16.23 -16.68
C ARG D 84 11.81 16.23 -16.77
N TYR D 85 12.80 16.17 -15.86
CA TYR D 85 12.98 17.15 -14.81
C TYR D 85 14.29 17.87 -15.07
N SER D 86 14.22 19.21 -15.12
CA SER D 86 15.39 20.03 -15.43
C SER D 86 15.90 20.65 -14.13
N ALA D 87 17.22 20.77 -14.03
CA ALA D 87 17.80 21.32 -12.82
C ALA D 87 17.46 22.79 -12.63
N THR D 88 17.37 23.19 -11.35
CA THR D 88 17.24 24.62 -11.00
C THR D 88 18.35 25.09 -10.04
N GLN D 89 18.66 24.30 -8.99
CA GLN D 89 19.66 24.76 -8.01
C GLN D 89 20.05 23.56 -7.16
N LEU D 90 21.21 23.72 -6.50
CA LEU D 90 21.55 22.80 -5.43
C LEU D 90 21.91 23.57 -4.17
N HIS D 91 21.83 22.88 -3.04
CA HIS D 91 22.11 23.51 -1.75
C HIS D 91 22.37 22.38 -0.76
N LEU D 92 22.81 22.75 0.48
CA LEU D 92 23.11 21.77 1.49
C LEU D 92 22.36 22.09 2.79
N HIS D 93 22.39 21.10 3.68
CA HIS D 93 21.85 21.20 5.04
C HIS D 93 22.91 20.65 5.97
N TRP D 94 23.10 21.30 7.15
CA TRP D 94 24.18 20.89 8.07
C TRP D 94 23.77 21.24 9.50
N GLY D 95 24.66 20.83 10.42
CA GLY D 95 24.45 21.04 11.85
C GLY D 95 25.28 22.24 12.33
N ASN D 96 26.16 21.96 13.30
CA ASN D 96 26.95 23.06 13.86
C ASN D 96 28.23 22.44 14.41
N PRO D 97 29.26 23.25 14.80
CA PRO D 97 30.52 22.66 15.22
C PRO D 97 30.37 21.70 16.41
N ASN D 98 29.39 21.94 17.30
CA ASN D 98 29.19 21.11 18.49
C ASN D 98 28.34 19.89 18.20
N ASP D 99 27.69 19.84 17.02
CA ASP D 99 26.85 18.72 16.66
C ASP D 99 26.85 18.55 15.14
N PRO D 100 27.91 17.94 14.56
CA PRO D 100 28.05 17.87 13.09
C PRO D 100 27.22 16.72 12.53
N HIS D 101 25.89 16.81 12.79
CA HIS D 101 24.94 15.74 12.48
C HIS D 101 23.66 16.36 11.96
N GLY D 102 23.77 17.02 10.79
CA GLY D 102 22.71 17.86 10.27
C GLY D 102 22.09 17.38 8.96
N SER D 103 22.22 16.08 8.61
CA SER D 103 21.42 15.64 7.46
C SER D 103 19.93 15.82 7.80
N GLU D 104 19.12 15.87 6.75
CA GLU D 104 17.68 15.91 6.91
C GLU D 104 17.10 14.49 7.01
N HIS D 105 17.33 13.70 5.97
CA HIS D 105 16.97 12.31 6.08
C HIS D 105 17.88 11.61 7.06
N THR D 106 17.33 10.64 7.77
CA THR D 106 18.11 9.82 8.68
C THR D 106 18.00 8.37 8.20
N VAL D 107 18.94 7.52 8.59
CA VAL D 107 18.92 6.13 8.15
C VAL D 107 18.98 5.37 9.45
N SER D 108 17.99 4.50 9.61
CA SER D 108 17.88 3.71 10.83
C SER D 108 18.05 4.59 12.08
N GLY D 109 17.48 5.80 12.06
CA GLY D 109 17.43 6.73 13.16
C GLY D 109 18.70 7.62 13.31
N GLN D 110 19.73 7.46 12.49
N GLN D 110 19.68 7.50 12.41
CA GLN D 110 20.93 8.26 12.67
CA GLN D 110 21.00 8.12 12.50
C GLN D 110 21.00 9.32 11.58
C GLN D 110 21.09 9.29 11.52
N HIS D 111 21.48 10.48 11.99
CA HIS D 111 21.83 11.57 11.09
C HIS D 111 23.22 11.37 10.52
N PHE D 112 23.36 11.71 9.25
CA PHE D 112 24.67 11.93 8.66
C PHE D 112 25.11 13.36 8.99
N ALA D 113 26.36 13.68 8.63
CA ALA D 113 26.90 14.99 8.96
C ALA D 113 26.14 16.09 8.23
N ALA D 114 25.80 15.86 6.95
CA ALA D 114 25.18 16.93 6.15
C ALA D 114 24.42 16.23 5.01
N GLU D 115 23.80 17.05 4.16
CA GLU D 115 23.05 16.48 3.04
C GLU D 115 23.04 17.50 1.92
N LEU D 116 23.26 16.99 0.68
CA LEU D 116 23.17 17.78 -0.54
C LEU D 116 21.84 17.51 -1.21
N HIS D 117 21.17 18.59 -1.66
CA HIS D 117 19.97 18.46 -2.49
C HIS D 117 20.20 19.12 -3.82
N ILE D 118 19.90 18.35 -4.90
CA ILE D 118 19.94 18.90 -6.26
C ILE D 118 18.50 18.94 -6.72
N VAL D 119 17.96 20.17 -6.83
CA VAL D 119 16.55 20.39 -7.09
C VAL D 119 16.29 20.52 -8.59
N HIS D 120 15.27 19.82 -9.05
CA HIS D 120 14.84 19.85 -10.47
C HIS D 120 13.34 20.07 -10.51
N TYR D 121 12.89 20.65 -11.64
CA TYR D 121 11.47 20.90 -11.81
C TYR D 121 10.97 20.23 -13.09
N ASN D 122 9.67 19.99 -13.13
CA ASN D 122 9.03 19.26 -14.23
C ASN D 122 8.88 20.22 -15.40
N SER D 123 9.86 20.17 -16.31
CA SER D 123 9.88 21.10 -17.43
C SER D 123 9.00 20.62 -18.57
N ASP D 124 8.48 19.39 -18.50
CA ASP D 124 7.46 18.98 -19.45
C ASP D 124 6.14 19.69 -19.16
N LEU D 125 5.92 20.11 -17.91
CA LEU D 125 4.64 20.68 -17.53
C LEU D 125 4.73 22.17 -17.26
N TYR D 126 5.88 22.62 -16.71
CA TYR D 126 5.96 23.94 -16.12
C TYR D 126 7.14 24.71 -16.67
N PRO D 127 7.05 26.06 -16.69
CA PRO D 127 8.15 26.86 -17.28
C PRO D 127 9.37 27.11 -16.37
N ASP D 128 9.22 26.91 -15.06
N ASP D 128 9.20 27.02 -15.05
CA ASP D 128 10.24 27.37 -14.13
CA ASP D 128 10.33 27.19 -14.14
C ASP D 128 9.95 26.70 -12.79
C ASP D 128 9.99 26.54 -12.81
N ALA D 129 10.96 26.58 -11.92
CA ALA D 129 10.79 25.88 -10.64
C ALA D 129 9.80 26.59 -9.73
N SER D 130 9.78 27.92 -9.72
N SER D 130 9.82 27.94 -9.71
CA SER D 130 8.82 28.56 -8.85
CA SER D 130 8.84 28.69 -8.95
C SER D 130 7.38 28.21 -9.26
C SER D 130 7.42 28.23 -9.28
N THR D 131 7.08 28.24 -10.56
CA THR D 131 5.75 27.86 -10.99
C THR D 131 5.45 26.39 -10.68
N ALA D 132 6.45 25.53 -10.87
CA ALA D 132 6.25 24.11 -10.65
C ALA D 132 6.05 23.80 -9.15
N SER D 133 6.62 24.65 -8.27
CA SER D 133 6.81 24.23 -6.89
C SER D 133 5.51 23.93 -6.13
N ASN D 134 4.38 24.55 -6.50
CA ASN D 134 3.12 24.28 -5.84
C ASN D 134 2.13 23.49 -6.66
N LYS D 135 2.66 22.82 -7.69
CA LYS D 135 1.77 22.15 -8.66
C LYS D 135 2.11 20.66 -8.70
N SER D 136 1.13 19.92 -9.21
CA SER D 136 1.21 18.47 -9.31
C SER D 136 2.47 18.03 -10.04
N GLU D 137 3.20 17.09 -9.43
CA GLU D 137 4.37 16.50 -10.05
C GLU D 137 5.42 17.58 -10.32
N GLY D 138 5.44 18.66 -9.54
CA GLY D 138 6.25 19.77 -9.95
C GLY D 138 7.78 19.57 -9.79
N LEU D 139 8.20 18.83 -8.77
CA LEU D 139 9.63 18.86 -8.42
C LEU D 139 10.18 17.44 -8.23
N ALA D 140 11.51 17.31 -8.46
CA ALA D 140 12.23 16.09 -8.15
C ALA D 140 13.55 16.50 -7.54
N VAL D 141 13.84 15.96 -6.35
CA VAL D 141 15.07 16.30 -5.68
C VAL D 141 15.93 15.06 -5.57
N LEU D 142 17.25 15.21 -5.86
CA LEU D 142 18.22 14.17 -5.57
C LEU D 142 18.87 14.53 -4.25
N ALA D 143 18.97 13.57 -3.34
CA ALA D 143 19.60 13.80 -2.03
C ALA D 143 20.82 12.88 -1.89
N VAL D 144 21.94 13.50 -1.50
CA VAL D 144 23.15 12.76 -1.20
C VAL D 144 23.45 12.96 0.30
N LEU D 145 23.55 11.87 1.01
CA LEU D 145 23.96 11.90 2.41
C LEU D 145 25.46 12.09 2.47
N ILE D 146 25.90 12.92 3.44
CA ILE D 146 27.31 13.30 3.55
C ILE D 146 27.83 12.91 4.92
N GLU D 147 28.83 12.04 4.96
N GLU D 147 28.91 12.14 4.89
CA GLU D 147 29.44 11.70 6.23
CA GLU D 147 29.58 11.63 6.07
C GLU D 147 30.82 12.33 6.35
C GLU D 147 30.88 12.41 6.32
N MET D 148 31.23 12.58 7.59
CA MET D 148 32.54 13.09 7.89
C MET D 148 33.57 12.03 7.56
N GLY D 149 34.54 12.41 6.70
CA GLY D 149 35.51 11.45 6.20
C GLY D 149 36.68 12.19 5.55
N SER D 150 37.04 11.72 4.36
CA SER D 150 38.15 12.32 3.61
C SER D 150 37.74 13.64 2.95
N PHE D 151 38.75 14.50 2.79
CA PHE D 151 38.61 15.72 2.00
C PHE D 151 38.06 15.41 0.63
N ASN D 152 37.10 16.23 0.20
CA ASN D 152 36.43 16.00 -1.07
C ASN D 152 36.71 17.17 -2.00
N PRO D 153 37.65 17.03 -2.98
N PRO D 153 37.56 16.99 -3.02
CA PRO D 153 37.96 18.15 -3.86
CA PRO D 153 37.94 18.11 -3.87
C PRO D 153 36.80 18.59 -4.75
C PRO D 153 36.72 18.64 -4.65
N SER D 154 35.79 17.73 -4.97
CA SER D 154 34.68 18.16 -5.80
C SER D 154 33.75 19.05 -5.00
N TYR D 155 33.39 18.64 -3.78
CA TYR D 155 32.56 19.52 -2.96
C TYR D 155 33.33 20.81 -2.65
N ASP D 156 34.68 20.77 -2.58
CA ASP D 156 35.41 21.98 -2.30
C ASP D 156 35.28 23.01 -3.43
N LYS D 157 34.90 22.58 -4.66
CA LYS D 157 34.68 23.56 -5.72
C LYS D 157 33.53 24.49 -5.37
N ILE D 158 32.60 24.08 -4.50
CA ILE D 158 31.58 24.95 -3.94
C ILE D 158 32.12 25.62 -2.69
N PHE D 159 32.65 24.81 -1.75
CA PHE D 159 32.96 25.34 -0.43
C PHE D 159 34.02 26.42 -0.44
N SER D 160 34.93 26.43 -1.41
CA SER D 160 35.99 27.46 -1.44
C SER D 160 35.39 28.86 -1.67
N HIS D 161 34.13 28.96 -2.09
CA HIS D 161 33.51 30.24 -2.38
C HIS D 161 32.65 30.74 -1.23
N LEU D 162 32.52 29.97 -0.14
CA LEU D 162 31.59 30.33 0.95
C LEU D 162 31.97 31.65 1.62
N GLN D 163 33.27 31.99 1.69
N GLN D 163 33.27 31.96 1.67
CA GLN D 163 33.62 33.23 2.35
CA GLN D 163 33.70 33.21 2.26
C GLN D 163 33.36 34.46 1.48
C GLN D 163 33.04 34.41 1.59
N HIS D 164 32.76 34.27 0.30
CA HIS D 164 32.27 35.40 -0.49
C HIS D 164 30.74 35.47 -0.54
N VAL D 165 30.05 34.57 0.22
CA VAL D 165 28.61 34.67 0.31
C VAL D 165 28.16 34.57 1.76
N LYS D 166 28.92 35.21 2.62
CA LYS D 166 28.74 35.01 4.05
C LYS D 166 27.40 35.55 4.54
N TYR D 167 26.89 36.66 3.95
CA TYR D 167 25.68 37.30 4.46
C TYR D 167 24.51 37.23 3.47
N LYS D 168 23.31 37.36 4.02
CA LYS D 168 22.12 37.36 3.19
C LYS D 168 22.32 38.41 2.10
N GLY D 169 21.93 38.02 0.88
CA GLY D 169 22.00 38.87 -0.30
C GLY D 169 23.30 38.81 -1.11
N GLN D 170 24.34 38.26 -0.51
CA GLN D 170 25.62 38.19 -1.18
C GLN D 170 25.63 37.06 -2.20
N GLU D 171 26.43 37.27 -3.25
CA GLU D 171 26.49 36.39 -4.41
C GLU D 171 27.96 36.22 -4.82
N ALA D 172 28.26 35.12 -5.45
CA ALA D 172 29.58 34.87 -6.03
C ALA D 172 29.37 33.97 -7.21
N PHE D 173 30.35 33.94 -8.10
CA PHE D 173 30.30 33.02 -9.22
C PHE D 173 31.22 31.83 -8.98
N VAL D 174 30.73 30.67 -9.37
CA VAL D 174 31.44 29.39 -9.29
C VAL D 174 31.68 28.90 -10.70
N PRO D 175 32.95 28.66 -11.11
CA PRO D 175 33.16 28.03 -12.43
C PRO D 175 32.48 26.69 -12.53
N GLY D 176 32.01 26.35 -13.74
CA GLY D 176 31.40 25.04 -13.93
C GLY D 176 32.35 23.89 -13.57
N PHE D 177 31.74 22.80 -13.12
CA PHE D 177 32.46 21.56 -12.93
C PHE D 177 31.43 20.45 -13.15
N ASN D 178 31.90 19.20 -13.14
CA ASN D 178 30.99 18.09 -13.37
C ASN D 178 30.22 17.79 -12.08
N ILE D 179 28.92 18.14 -12.06
CA ILE D 179 28.09 17.95 -10.87
C ILE D 179 27.94 16.48 -10.52
N GLU D 180 28.15 15.59 -11.48
N GLU D 180 28.12 15.58 -11.50
CA GLU D 180 28.07 14.18 -11.11
CA GLU D 180 28.10 14.16 -11.16
C GLU D 180 29.19 13.76 -10.16
C GLU D 180 29.16 13.79 -10.13
N GLU D 181 30.25 14.56 -10.05
CA GLU D 181 31.26 14.28 -9.04
C GLU D 181 30.76 14.43 -7.60
N LEU D 182 29.61 15.08 -7.41
CA LEU D 182 29.00 15.22 -6.09
C LEU D 182 28.19 13.99 -5.71
N LEU D 183 27.90 13.12 -6.69
CA LEU D 183 27.05 11.97 -6.45
C LEU D 183 27.90 10.83 -5.91
N PRO D 184 27.28 9.90 -5.15
CA PRO D 184 27.99 8.76 -4.56
C PRO D 184 28.18 7.62 -5.53
N GLU D 185 28.86 6.59 -5.01
CA GLU D 185 28.97 5.35 -5.76
C GLU D 185 27.61 4.68 -5.92
N ARG D 186 27.46 3.95 -7.06
CA ARG D 186 26.32 3.08 -7.31
C ARG D 186 25.01 3.86 -7.22
N THR D 187 24.90 4.87 -8.05
CA THR D 187 23.68 5.67 -8.08
C THR D 187 22.44 4.88 -8.48
N ALA D 188 22.60 3.71 -9.11
CA ALA D 188 21.42 2.90 -9.38
C ALA D 188 20.74 2.40 -8.10
N GLU D 189 21.43 2.46 -6.96
CA GLU D 189 20.85 2.02 -5.69
C GLU D 189 20.35 3.27 -4.92
N TYR D 190 19.05 3.33 -4.71
CA TYR D 190 18.44 4.52 -4.14
C TYR D 190 17.11 4.16 -3.50
N TYR D 191 16.70 5.10 -2.61
CA TYR D 191 15.38 5.15 -2.02
C TYR D 191 14.54 6.17 -2.79
N ARG D 192 13.27 5.87 -2.96
CA ARG D 192 12.35 6.75 -3.66
C ARG D 192 11.04 6.89 -2.89
N TYR D 193 10.56 8.12 -2.70
CA TYR D 193 9.26 8.27 -2.05
C TYR D 193 8.66 9.59 -2.47
N ARG D 194 7.37 9.74 -2.17
CA ARG D 194 6.64 11.00 -2.46
C ARG D 194 6.64 11.86 -1.20
N GLY D 195 7.13 13.09 -1.33
CA GLY D 195 7.18 14.00 -0.18
C GLY D 195 7.07 15.44 -0.60
N SER D 196 7.80 16.27 0.16
CA SER D 196 7.56 17.70 0.14
C SER D 196 8.89 18.45 0.11
N LEU D 197 8.80 19.76 -0.09
CA LEU D 197 9.91 20.63 0.28
C LEU D 197 10.13 20.53 1.77
N THR D 198 11.40 20.59 2.20
CA THR D 198 11.72 20.56 3.63
C THR D 198 11.83 21.94 4.27
N THR D 199 11.51 22.98 3.50
CA THR D 199 11.42 24.31 4.03
C THR D 199 10.06 24.85 3.63
N PRO D 200 9.60 25.94 4.27
CA PRO D 200 8.43 26.64 3.73
C PRO D 200 8.62 26.90 2.25
N PRO D 201 7.54 26.80 1.45
CA PRO D 201 6.16 26.56 1.90
C PRO D 201 5.79 25.08 2.09
N CYS D 202 6.78 24.16 2.05
CA CYS D 202 6.52 22.75 2.40
C CYS D 202 5.58 22.06 1.42
N ASN D 203 5.56 22.51 0.16
CA ASN D 203 4.57 21.96 -0.76
C ASN D 203 4.83 20.47 -0.98
N PRO D 204 3.75 19.65 -0.99
CA PRO D 204 3.92 18.20 -1.14
C PRO D 204 4.02 17.79 -2.62
N THR D 205 5.04 18.31 -3.30
CA THR D 205 5.14 18.28 -4.75
C THR D 205 6.46 17.68 -5.17
N VAL D 206 7.15 16.97 -4.25
CA VAL D 206 8.51 16.50 -4.54
C VAL D 206 8.55 14.98 -4.61
N LEU D 207 9.12 14.50 -5.73
CA LEU D 207 9.52 13.10 -5.83
C LEU D 207 10.97 13.04 -5.36
N TRP D 208 11.18 12.38 -4.23
CA TRP D 208 12.50 12.29 -3.62
C TRP D 208 13.22 11.05 -4.10
N THR D 209 14.53 11.22 -4.36
CA THR D 209 15.44 10.11 -4.61
C THR D 209 16.60 10.35 -3.65
N VAL D 210 16.78 9.44 -2.70
CA VAL D 210 17.89 9.52 -1.74
C VAL D 210 18.84 8.39 -2.10
N PHE D 211 20.09 8.70 -2.49
CA PHE D 211 20.98 7.64 -2.88
C PHE D 211 21.30 6.75 -1.66
N ARG D 212 21.51 5.46 -1.90
CA ARG D 212 21.82 4.54 -0.81
C ARG D 212 23.17 4.83 -0.15
N ASN D 213 24.14 5.19 -0.96
CA ASN D 213 25.47 5.36 -0.42
C ASN D 213 25.79 6.82 -0.16
N PRO D 214 26.50 7.13 0.93
CA PRO D 214 26.88 8.52 1.21
C PRO D 214 28.16 8.86 0.46
N VAL D 215 28.47 10.16 0.46
CA VAL D 215 29.83 10.62 0.12
C VAL D 215 30.50 11.08 1.40
N GLN D 216 31.80 11.41 1.31
CA GLN D 216 32.51 11.96 2.46
C GLN D 216 33.03 13.37 2.14
N ILE D 217 33.05 14.24 3.16
CA ILE D 217 33.80 15.48 3.14
C ILE D 217 34.54 15.51 4.50
N SER D 218 35.59 16.32 4.57
CA SER D 218 36.41 16.26 5.77
C SER D 218 35.77 17.05 6.93
N GLN D 219 36.32 16.79 8.13
CA GLN D 219 35.96 17.59 9.29
C GLN D 219 36.24 19.07 9.06
N GLU D 220 37.36 19.38 8.40
CA GLU D 220 37.69 20.79 8.16
C GLU D 220 36.68 21.39 7.20
N GLN D 221 36.25 20.63 6.15
CA GLN D 221 35.24 21.15 5.24
C GLN D 221 33.93 21.37 5.98
N LEU D 222 33.54 20.42 6.84
CA LEU D 222 32.31 20.60 7.60
C LEU D 222 32.39 21.82 8.54
N LEU D 223 33.55 21.96 9.21
CA LEU D 223 33.64 23.07 10.15
C LEU D 223 33.53 24.37 9.38
N ALA D 224 34.19 24.47 8.20
CA ALA D 224 34.09 25.66 7.37
C ALA D 224 32.64 25.94 7.00
N LEU D 225 31.93 24.91 6.55
CA LEU D 225 30.54 25.06 6.18
C LEU D 225 29.68 25.57 7.36
N GLU D 226 29.95 25.03 8.54
CA GLU D 226 29.18 25.27 9.76
C GLU D 226 29.51 26.63 10.37
N THR D 227 30.58 27.28 9.91
CA THR D 227 31.00 28.56 10.51
C THR D 227 31.09 29.69 9.50
N ALA D 228 30.87 29.45 8.20
CA ALA D 228 31.11 30.49 7.17
C ALA D 228 29.92 31.44 7.00
N LEU D 229 28.70 31.00 7.32
CA LEU D 229 27.53 31.67 6.79
C LEU D 229 26.61 32.21 7.87
N TYR D 230 25.93 33.30 7.50
CA TYR D 230 24.92 33.94 8.32
C TYR D 230 23.60 34.03 7.58
N CYS D 231 22.49 33.98 8.32
CA CYS D 231 21.15 34.13 7.81
C CYS D 231 20.78 35.58 7.59
N THR D 232 21.54 36.45 8.22
CA THR D 232 21.18 37.86 8.27
C THR D 232 22.01 38.72 7.32
N HIS D 233 21.48 39.90 7.02
CA HIS D 233 22.21 40.85 6.22
C HIS D 233 23.44 41.28 7.02
N MET D 234 24.46 41.69 6.29
CA MET D 234 25.68 42.17 6.92
C MET D 234 25.47 43.28 7.96
N ASP D 235 24.48 44.17 7.76
CA ASP D 235 24.24 45.28 8.68
C ASP D 235 23.28 44.96 9.83
N ASP D 236 22.82 43.73 9.96
CA ASP D 236 21.78 43.44 10.92
C ASP D 236 22.40 43.56 12.30
N PRO D 237 21.79 44.36 13.20
CA PRO D 237 22.29 44.47 14.56
C PRO D 237 22.09 43.18 15.36
N SER D 238 21.38 42.19 14.78
N SER D 238 21.32 42.23 14.82
CA SER D 238 21.06 40.97 15.50
CA SER D 238 21.04 40.96 15.49
C SER D 238 21.47 39.77 14.64
C SER D 238 21.47 39.81 14.57
N PRO D 239 22.78 39.54 14.41
CA PRO D 239 23.23 38.51 13.47
C PRO D 239 22.79 37.14 13.92
N ARG D 240 22.53 36.29 12.91
CA ARG D 240 22.19 34.90 13.23
C ARG D 240 23.01 34.00 12.31
N GLU D 241 23.80 33.09 12.89
N GLU D 241 23.67 33.01 12.91
CA GLU D 241 24.52 32.12 12.10
CA GLU D 241 24.49 32.05 12.17
C GLU D 241 23.57 31.21 11.33
C GLU D 241 23.63 31.04 11.41
N MET D 242 24.04 30.74 10.16
CA MET D 242 23.33 29.75 9.38
C MET D 242 23.86 28.37 9.79
N ILE D 243 23.20 27.79 10.82
CA ILE D 243 23.58 26.52 11.42
C ILE D 243 22.29 25.75 11.67
N ASN D 244 22.44 24.43 11.81
CA ASN D 244 21.33 23.56 12.16
C ASN D 244 20.14 23.78 11.25
N ASN D 245 20.43 23.91 9.95
CA ASN D 245 19.39 24.23 8.98
C ASN D 245 18.83 22.94 8.36
N PHE D 246 18.33 22.07 9.25
CA PHE D 246 17.67 20.84 8.83
C PHE D 246 16.36 20.77 9.58
N ARG D 247 15.36 20.20 8.90
CA ARG D 247 14.07 19.93 9.51
C ARG D 247 14.09 18.57 10.18
N GLN D 248 13.40 18.41 11.32
CA GLN D 248 13.20 17.09 11.91
C GLN D 248 12.45 16.18 10.96
N VAL D 249 12.66 14.88 11.14
CA VAL D 249 11.90 13.92 10.33
C VAL D 249 10.40 13.96 10.67
N GLN D 250 9.61 13.54 9.71
CA GLN D 250 8.16 13.66 9.73
C GLN D 250 7.48 12.31 9.85
N LYS D 251 6.21 12.35 10.28
CA LYS D 251 5.36 11.16 10.23
C LYS D 251 5.26 10.62 8.81
N PHE D 252 5.14 9.29 8.73
CA PHE D 252 5.05 8.68 7.41
C PHE D 252 3.68 8.88 6.70
N ASP D 253 2.56 9.08 7.42
CA ASP D 253 1.28 9.28 6.75
C ASP D 253 0.98 8.12 5.80
N GLU D 254 1.29 6.87 6.22
CA GLU D 254 0.96 5.63 5.47
C GLU D 254 1.87 5.40 4.26
N ARG D 255 2.84 6.27 3.97
CA ARG D 255 3.75 6.05 2.86
C ARG D 255 4.69 4.89 3.18
N LEU D 256 5.06 4.21 2.08
CA LEU D 256 6.27 3.40 2.06
C LEU D 256 7.41 4.15 1.35
N VAL D 257 8.60 3.66 1.55
CA VAL D 257 9.77 4.10 0.79
C VAL D 257 10.21 2.95 -0.09
N TYR D 258 10.24 3.21 -1.38
CA TYR D 258 10.54 2.16 -2.35
C TYR D 258 12.03 2.16 -2.64
N THR D 259 12.59 0.96 -2.80
CA THR D 259 14.03 0.85 -2.99
C THR D 259 14.32 0.17 -4.33
N SER D 260 15.46 0.57 -4.92
CA SER D 260 15.90 -0.08 -6.18
C SER D 260 16.81 -1.27 -5.91
N PHE D 261 17.02 -1.59 -4.65
CA PHE D 261 17.89 -2.65 -4.19
C PHE D 261 17.08 -3.51 -3.24
N SER D 262 17.40 -4.79 -3.23
CA SER D 262 16.53 -5.68 -2.48
C SER D 262 17.32 -6.19 -1.29
N GLN D 263 18.62 -5.87 -1.27
CA GLN D 263 19.45 -6.10 -0.11
C GLN D 263 18.70 -5.63 1.14
ZN ZN E . -20.30 -17.24 -0.79
C4 A1ID0 F . -24.85 -13.18 0.08
C5 A1ID0 F . -25.45 -14.00 -0.91
C6 A1ID0 F . -24.64 -14.96 -1.50
C24 A1ID0 F . -24.20 -11.16 4.96
C26 A1ID0 F . -26.45 -9.19 3.91
C2 A1ID0 F . -22.66 -14.28 -0.33
C1 A1ID0 F . -23.29 -15.08 -1.30
C3 A1ID0 F . -23.49 -13.39 0.31
C23 A1ID0 F . -24.24 -10.45 3.59
C27 A1ID0 F . -27.98 -9.22 3.82
O19 A1ID0 F . -27.21 -13.70 -2.90
S14 A1ID0 F . -27.16 -13.88 -1.42
O18 A1ID0 F . -27.86 -14.97 -0.86
F13 A1ID0 F . -25.21 -15.81 -2.43
F12 A1ID0 F . -22.68 -16.02 -2.04
C15 A1ID0 F . -27.63 -12.41 -0.57
C16 A1ID0 F . -27.04 -12.42 0.86
N17 A1ID0 F . -25.59 -12.20 0.76
F11 A1ID0 F . -22.94 -12.63 1.28
S7 A1ID0 F . -20.91 -14.31 -0.03
O9 A1ID0 F . -20.20 -15.29 -0.94
N10 A1ID0 F . -20.87 -14.78 1.37
O8 A1ID0 F . -20.47 -12.97 -0.29
C20 A1ID0 F . -25.10 -10.83 0.63
C21 A1ID0 F . -25.72 -9.81 1.56
C22 A1ID0 F . -25.67 -10.21 3.06
C28 A1ID0 F . -28.59 -10.28 4.66
C25 A1ID0 F . -24.74 -12.61 4.85
ZN ZN G . -5.55 -7.15 -27.49
C4 A1ID0 H . -8.84 -2.42 -29.43
C5 A1ID0 H . -8.04 -1.77 -28.42
C6 A1ID0 H . -7.28 -2.54 -27.60
C24 A1ID0 H . -10.50 -3.47 -34.38
C26 A1ID0 H . -12.26 -0.89 -33.82
C2 A1ID0 H . -8.14 -4.57 -28.46
C1 A1ID0 H . -7.36 -3.91 -27.61
C3 A1ID0 H . -8.82 -3.80 -29.40
C23 A1ID0 H . -11.31 -3.15 -33.07
C27 A1ID0 H . -12.02 0.63 -33.99
O19 A1ID0 H . -8.28 0.36 -26.87
S14 A1ID0 H . -7.96 0.01 -28.23
O18 A1ID0 H . -6.67 0.47 -28.76
F13 A1ID0 H . -6.47 -1.94 -26.69
F12 A1ID0 H . -6.56 -4.53 -26.71
C15 A1ID0 H . -9.23 0.55 -29.33
C16 A1ID0 H . -9.16 -0.27 -30.62
N17 A1ID0 H . -9.62 -1.64 -30.31
F11 A1ID0 H . -9.56 -4.40 -30.36
S7 A1ID0 H . -8.31 -6.36 -28.63
O9 A1ID0 H . -9.71 -6.59 -28.43
N10 A1ID0 H . -7.48 -7.02 -27.48
O8 A1ID0 H . -7.77 -6.69 -29.93
C20 A1ID0 H . -10.99 -2.00 -30.35
C21 A1ID0 H . -11.83 -1.33 -31.42
C22 A1ID0 H . -11.34 -1.63 -32.88
C28 A1ID0 H . -10.79 1.00 -34.81
C25 A1ID0 H . -9.02 -3.10 -34.49
C1 EDO I . 13.83 -2.67 -25.27
O1 EDO I . 13.87 -4.04 -25.15
C2 EDO I . 15.00 -1.86 -25.69
O2 EDO I . 15.17 -2.02 -27.13
ZN ZN J . 2.37 10.77 27.20
C4 A1ID0 K . -2.18 14.72 28.15
C5 A1ID0 K . -2.77 13.90 27.15
C6 A1ID0 K . -1.96 12.97 26.50
C24 A1ID0 K . -1.67 16.68 32.96
C26 A1ID0 K . -3.82 18.82 31.89
C2 A1ID0 K . -0.01 13.66 27.63
C1 A1ID0 K . -0.62 12.86 26.74
C3 A1ID0 K . -0.79 14.55 28.35
C23 A1ID0 K . -1.65 17.46 31.66
C27 A1ID0 K . -5.35 18.72 31.85
O19 A1ID0 K . -4.60 14.06 25.21
S14 A1ID0 K . -4.44 13.96 26.68
O18 A1ID0 K . -5.15 12.86 27.26
F13 A1ID0 K . -2.52 12.09 25.59
F12 A1ID0 K . 0.08 11.95 25.98
C15 A1ID0 K . -4.93 15.40 27.53
C16 A1ID0 K . -4.35 15.42 28.93
N17 A1ID0 K . -2.93 15.75 28.78
F11 A1ID0 K . -0.28 15.28 29.33
S7 A1ID0 K . 1.78 13.66 28.03
O9 A1ID0 K . 2.26 15.01 27.77
N10 A1ID0 K . 2.52 12.71 27.06
O8 A1ID0 K . 1.83 13.17 29.40
C20 A1ID0 K . -2.39 17.11 28.66
C21 A1ID0 K . -3.04 18.13 29.60
C22 A1ID0 K . -3.08 17.72 31.08
C28 A1ID0 K . -5.95 17.68 32.76
C25 A1ID0 K . -2.30 15.31 32.78
C1 EDO L . -7.81 12.57 37.51
O1 EDO L . -7.46 11.39 38.20
C2 EDO L . -7.70 13.67 38.51
O2 EDO L . -6.32 13.94 38.84
C1 EDO M . 15.49 12.74 42.56
O1 EDO M . 15.33 12.41 41.15
C2 EDO M . 16.53 13.79 42.84
O2 EDO M . 16.25 14.90 41.97
ZN ZN N . 17.13 20.98 0.81
C4 A1ID0 O . 13.98 25.89 -0.95
C5 A1ID0 O . 14.83 26.47 0.02
C6 A1ID0 O . 15.59 25.65 0.82
C24 A1ID0 O . 12.17 24.89 -5.81
C26 A1ID0 O . 10.43 27.57 -5.19
C2 A1ID0 O . 14.65 23.64 -0.11
C1 A1ID0 O . 15.46 24.29 0.79
C3 A1ID0 O . 13.96 24.49 -0.98
C23 A1ID0 O . 11.40 25.27 -4.54
C27 A1ID0 O . 10.80 29.04 -5.34
O19 A1ID0 O . 14.69 28.51 1.69
S14 A1ID0 O . 14.94 28.20 0.30
O18 A1ID0 O . 16.18 28.63 -0.27
F13 A1ID0 O . 16.44 26.19 1.73
F12 A1ID0 O . 16.24 23.58 1.67
C15 A1ID0 O . 13.65 28.81 -0.72
C16 A1ID0 O . 13.65 28.02 -2.06
N17 A1ID0 O . 13.15 26.67 -1.79
F11 A1ID0 O . 13.19 23.92 -1.93
S7 A1ID0 O . 14.39 21.86 -0.26
O9 A1ID0 O . 12.97 21.69 -0.02
N10 A1ID0 O . 15.20 21.17 0.84
O8 A1ID0 O . 14.88 21.54 -1.58
C20 A1ID0 O . 11.71 26.46 -1.68
C21 A1ID0 O . 10.91 27.10 -2.79
C22 A1ID0 O . 11.36 26.80 -4.22
C28 A1ID0 O . 11.97 29.23 -6.28
C25 A1ID0 O . 13.66 25.26 -5.67
C1 EDO P . 13.53 6.01 -12.31
O1 EDO P . 13.82 6.28 -10.97
C2 EDO P . 12.27 5.09 -12.29
O2 EDO P . 11.15 5.68 -11.52
#